data_8BWB
#
_entry.id   8BWB
#
_cell.length_a   1.000
_cell.length_b   1.000
_cell.length_c   1.000
_cell.angle_alpha   90.00
_cell.angle_beta   90.00
_cell.angle_gamma   90.00
#
_symmetry.space_group_name_H-M   'P 1'
#
_entity_poly.entity_id   1
_entity_poly.type   'polypeptide(L)'
_entity_poly.pdbx_seq_one_letter_code
;ACIPRGEICTDDCECCGCDNQCYCPPGSSLGIFKCSCAHANKYFCNRKKEKCKKA
;
_entity_poly.pdbx_strand_id   A
#
# COMPACT_ATOMS: atom_id res chain seq x y z
N ALA A 1 12.75 7.42 -1.26
CA ALA A 1 12.55 6.13 -1.92
C ALA A 1 11.31 5.42 -1.40
N CYS A 2 10.36 5.16 -2.28
CA CYS A 2 9.13 4.48 -1.91
C CYS A 2 9.24 2.98 -2.15
N ILE A 3 8.25 2.24 -1.67
CA ILE A 3 8.23 0.79 -1.84
C ILE A 3 7.68 0.40 -3.20
N PRO A 4 8.46 -0.38 -3.96
CA PRO A 4 8.07 -0.84 -5.30
C PRO A 4 6.93 -1.86 -5.25
N ARG A 5 6.25 -2.04 -6.38
CA ARG A 5 5.14 -2.98 -6.46
C ARG A 5 5.65 -4.42 -6.30
N GLY A 6 4.93 -5.19 -5.48
CA GLY A 6 5.32 -6.58 -5.25
C GLY A 6 6.12 -6.74 -3.98
N GLU A 7 6.66 -5.64 -3.46
CA GLU A 7 7.46 -5.68 -2.25
C GLU A 7 6.58 -5.50 -1.02
N ILE A 8 6.96 -6.18 0.06
CA ILE A 8 6.21 -6.09 1.32
C ILE A 8 6.32 -4.70 1.93
N CYS A 9 5.23 -4.26 2.54
CA CYS A 9 5.19 -2.94 3.18
C CYS A 9 4.49 -3.01 4.52
N THR A 10 4.98 -2.22 5.48
CA THR A 10 4.39 -2.19 6.82
C THR A 10 3.42 -1.02 6.97
N ASP A 11 3.87 0.16 6.60
CA ASP A 11 3.04 1.36 6.69
C ASP A 11 2.29 1.60 5.38
N ASP A 12 1.22 2.38 5.45
CA ASP A 12 0.41 2.69 4.28
C ASP A 12 1.08 3.77 3.43
N CYS A 13 1.57 4.81 4.09
CA CYS A 13 2.23 5.91 3.40
C CYS A 13 3.62 5.49 2.90
N GLU A 14 4.04 4.29 3.31
CA GLU A 14 5.34 3.78 2.91
C GLU A 14 5.37 3.45 1.42
N CYS A 15 4.23 3.03 0.89
CA CYS A 15 4.12 2.68 -0.52
C CYS A 15 4.26 3.92 -1.40
N CYS A 16 4.52 3.70 -2.68
CA CYS A 16 4.68 4.79 -3.63
C CYS A 16 3.42 5.66 -3.68
N GLY A 17 3.38 6.59 -4.62
CA GLY A 17 2.23 7.47 -4.76
C GLY A 17 0.95 6.71 -5.01
N CYS A 18 -0.10 7.41 -5.40
CA CYS A 18 -1.39 6.80 -5.67
C CYS A 18 -1.23 5.56 -6.55
N ASP A 19 -0.24 5.59 -7.42
CA ASP A 19 0.03 4.47 -8.32
C ASP A 19 0.01 3.15 -7.56
N ASN A 20 0.74 3.11 -6.44
CA ASN A 20 0.81 1.91 -5.61
C ASN A 20 0.16 2.14 -4.25
N GLN A 21 -0.26 1.05 -3.61
CA GLN A 21 -0.90 1.14 -2.31
C GLN A 21 -0.53 -0.06 -1.43
N CYS A 22 -0.44 0.18 -0.14
CA CYS A 22 -0.08 -0.88 0.81
C CYS A 22 -1.32 -1.65 1.26
N TYR A 23 -1.70 -2.67 0.50
CA TYR A 23 -2.87 -3.48 0.82
C TYR A 23 -2.49 -4.65 1.73
N CYS A 24 -3.43 -5.05 2.58
CA CYS A 24 -3.19 -6.16 3.50
C CYS A 24 -4.26 -7.24 3.34
N PRO A 25 -4.18 -7.97 2.22
CA PRO A 25 -5.14 -9.04 1.93
C PRO A 25 -4.96 -10.25 2.84
N PRO A 26 -5.99 -11.11 2.88
CA PRO A 26 -5.98 -12.32 3.71
C PRO A 26 -4.99 -13.36 3.21
N GLY A 27 -4.87 -14.46 3.94
CA GLY A 27 -3.96 -15.52 3.55
C GLY A 27 -2.50 -15.07 3.57
N SER A 28 -2.02 -14.73 4.76
CA SER A 28 -0.64 -14.28 4.92
C SER A 28 0.30 -15.46 5.13
N SER A 29 -0.19 -16.48 5.84
CA SER A 29 0.60 -17.67 6.11
C SER A 29 0.35 -18.75 5.06
N LEU A 30 -0.85 -18.73 4.48
CA LEU A 30 -1.21 -19.71 3.47
C LEU A 30 -0.86 -19.20 2.08
N GLY A 31 -0.79 -17.89 1.92
CA GLY A 31 -0.45 -17.30 0.64
C GLY A 31 1.04 -17.14 0.45
N ILE A 32 1.47 -15.91 0.13
CA ILE A 32 2.88 -15.63 -0.06
C ILE A 32 3.38 -14.55 0.89
N PHE A 33 2.52 -13.56 1.14
CA PHE A 33 2.88 -12.46 2.04
C PHE A 33 1.63 -11.90 2.72
N LYS A 34 1.83 -10.93 3.60
CA LYS A 34 0.72 -10.30 4.31
C LYS A 34 0.27 -9.04 3.60
N CYS A 35 1.17 -8.07 3.48
CA CYS A 35 0.87 -6.82 2.82
C CYS A 35 1.94 -6.45 1.80
N SER A 36 1.52 -5.91 0.67
CA SER A 36 2.45 -5.53 -0.39
C SER A 36 1.90 -4.36 -1.21
N CYS A 37 2.74 -3.79 -2.06
CA CYS A 37 2.34 -2.67 -2.90
C CYS A 37 1.51 -3.14 -4.08
N ALA A 38 0.28 -2.64 -4.19
CA ALA A 38 -0.62 -3.01 -5.27
C ALA A 38 -1.15 -1.78 -5.99
N HIS A 39 -1.45 -1.92 -7.27
CA HIS A 39 -1.97 -0.82 -8.06
C HIS A 39 -3.33 -0.37 -7.53
N ALA A 40 -3.33 0.79 -6.87
CA ALA A 40 -4.56 1.34 -6.31
C ALA A 40 -4.49 2.87 -6.24
N ASN A 41 -5.03 3.52 -7.27
CA ASN A 41 -5.03 4.98 -7.32
C ASN A 41 -6.18 5.55 -6.51
N LYS A 42 -7.40 5.33 -6.98
CA LYS A 42 -8.59 5.83 -6.29
C LYS A 42 -8.57 5.43 -4.81
N TYR A 43 -7.99 4.28 -4.52
CA TYR A 43 -7.89 3.80 -3.15
C TYR A 43 -6.86 4.60 -2.36
N PHE A 44 -5.59 4.41 -2.70
CA PHE A 44 -4.51 5.11 -2.03
C PHE A 44 -4.80 6.61 -1.93
N CYS A 45 -5.46 7.14 -2.96
CA CYS A 45 -5.80 8.55 -2.99
C CYS A 45 -6.83 8.90 -1.91
N ASN A 46 -8.02 8.31 -2.04
CA ASN A 46 -9.08 8.54 -1.08
C ASN A 46 -8.62 8.24 0.34
N ARG A 47 -7.63 7.36 0.46
CA ARG A 47 -7.09 6.98 1.76
C ARG A 47 -6.11 8.04 2.27
N LYS A 48 -5.13 8.38 1.44
CA LYS A 48 -4.13 9.38 1.81
C LYS A 48 -4.79 10.70 2.18
N LYS A 49 -5.65 11.19 1.30
CA LYS A 49 -6.36 12.45 1.54
C LYS A 49 -7.00 12.47 2.92
N GLU A 50 -7.34 11.28 3.43
CA GLU A 50 -7.96 11.16 4.73
C GLU A 50 -6.91 10.96 5.82
N LYS A 51 -5.84 10.25 5.48
CA LYS A 51 -4.76 9.99 6.42
C LYS A 51 -3.59 10.93 6.17
N CYS A 52 -2.76 10.58 5.19
CA CYS A 52 -1.60 11.39 4.84
C CYS A 52 -2.01 12.62 4.04
N LYS A 53 -2.83 13.47 4.63
CA LYS A 53 -3.30 14.68 3.97
C LYS A 53 -2.28 15.80 4.10
N LYS A 54 -1.59 15.83 5.24
CA LYS A 54 -0.58 16.86 5.50
C LYS A 54 0.65 16.65 4.61
N ALA A 55 1.19 15.44 4.64
CA ALA A 55 2.36 15.11 3.83
C ALA A 55 2.00 15.05 2.35
N ALA A 1 12.67 6.37 -3.09
CA ALA A 1 12.43 6.29 -1.66
C ALA A 1 11.21 5.44 -1.34
N CYS A 2 10.19 5.53 -2.20
CA CYS A 2 8.97 4.76 -2.01
C CYS A 2 9.17 3.30 -2.41
N ILE A 3 8.35 2.41 -1.87
CA ILE A 3 8.44 0.99 -2.18
C ILE A 3 7.94 0.71 -3.59
N PRO A 4 8.73 -0.09 -4.34
CA PRO A 4 8.39 -0.46 -5.71
C PRO A 4 7.19 -1.41 -5.78
N ARG A 5 6.50 -1.41 -6.92
CA ARG A 5 5.35 -2.27 -7.12
C ARG A 5 5.75 -3.73 -7.11
N GLY A 6 5.12 -4.52 -6.24
CA GLY A 6 5.44 -5.93 -6.15
C GLY A 6 6.25 -6.28 -4.92
N GLU A 7 6.85 -5.26 -4.31
CA GLU A 7 7.66 -5.46 -3.12
C GLU A 7 6.81 -5.35 -1.86
N ILE A 8 7.25 -6.05 -0.80
CA ILE A 8 6.53 -6.02 0.47
C ILE A 8 6.60 -4.65 1.12
N CYS A 9 5.51 -4.25 1.77
CA CYS A 9 5.45 -2.96 2.44
C CYS A 9 5.02 -3.13 3.89
N THR A 10 5.28 -2.11 4.70
CA THR A 10 4.92 -2.14 6.11
C THR A 10 3.80 -1.16 6.43
N ASP A 11 4.01 0.10 6.07
CA ASP A 11 2.99 1.14 6.30
C ASP A 11 2.23 1.45 5.02
N ASP A 12 1.17 2.24 5.15
CA ASP A 12 0.36 2.61 4.00
C ASP A 12 1.02 3.71 3.19
N CYS A 13 1.58 4.70 3.89
CA CYS A 13 2.25 5.82 3.23
C CYS A 13 3.65 5.41 2.75
N GLU A 14 4.04 4.18 3.08
CA GLU A 14 5.34 3.67 2.69
C GLU A 14 5.42 3.46 1.18
N CYS A 15 4.30 3.08 0.58
CA CYS A 15 4.23 2.84 -0.85
C CYS A 15 4.29 4.15 -1.63
N CYS A 16 4.52 4.06 -2.93
CA CYS A 16 4.60 5.24 -3.78
C CYS A 16 3.28 6.01 -3.75
N GLY A 17 3.15 6.99 -4.65
CA GLY A 17 1.94 7.78 -4.72
C GLY A 17 0.71 6.95 -5.00
N CYS A 18 -0.37 7.60 -5.41
CA CYS A 18 -1.62 6.92 -5.72
C CYS A 18 -1.36 5.70 -6.60
N ASP A 19 -0.35 5.78 -7.45
CA ASP A 19 0.01 4.69 -8.35
C ASP A 19 0.09 3.37 -7.57
N ASN A 20 0.97 3.34 -6.58
CA ASN A 20 1.16 2.14 -5.77
C ASN A 20 0.48 2.29 -4.41
N GLN A 21 -0.08 1.19 -3.91
CA GLN A 21 -0.76 1.20 -2.63
C GLN A 21 -0.39 -0.02 -1.79
N CYS A 22 -0.33 0.16 -0.48
CA CYS A 22 0.01 -0.94 0.43
C CYS A 22 -1.22 -1.73 0.83
N TYR A 23 -1.54 -2.76 0.06
CA TYR A 23 -2.70 -3.60 0.33
C TYR A 23 -2.30 -4.82 1.14
N CYS A 24 -3.20 -5.25 2.03
CA CYS A 24 -2.95 -6.41 2.87
C CYS A 24 -4.01 -7.49 2.64
N PRO A 25 -3.90 -8.20 1.51
CA PRO A 25 -4.83 -9.26 1.15
C PRO A 25 -4.69 -10.49 2.04
N PRO A 26 -5.65 -11.41 1.95
CA PRO A 26 -5.66 -12.64 2.74
C PRO A 26 -4.56 -13.61 2.32
N GLY A 27 -3.50 -13.70 3.12
CA GLY A 27 -2.40 -14.59 2.80
C GLY A 27 -2.33 -15.77 3.75
N SER A 28 -3.28 -16.68 3.65
CA SER A 28 -3.32 -17.86 4.51
C SER A 28 -2.54 -19.01 3.88
N SER A 29 -2.55 -19.08 2.55
CA SER A 29 -1.84 -20.12 1.84
C SER A 29 -0.33 -19.94 1.96
N LEU A 30 0.10 -18.69 1.99
CA LEU A 30 1.53 -18.38 2.10
C LEU A 30 1.94 -18.27 3.57
N GLY A 31 1.29 -17.36 4.30
CA GLY A 31 1.61 -17.18 5.70
C GLY A 31 0.41 -16.72 6.51
N ILE A 32 0.55 -15.59 7.19
CA ILE A 32 -0.53 -15.04 8.00
C ILE A 32 -0.89 -13.63 7.57
N PHE A 33 0.13 -12.81 7.32
CA PHE A 33 -0.08 -11.44 6.89
C PHE A 33 1.08 -10.95 6.02
N LYS A 34 0.75 -10.50 4.81
CA LYS A 34 1.77 -10.01 3.88
C LYS A 34 1.18 -8.93 2.98
N CYS A 35 1.73 -7.73 3.07
CA CYS A 35 1.27 -6.61 2.26
C CYS A 35 2.31 -6.24 1.20
N SER A 36 1.84 -5.69 0.08
CA SER A 36 2.73 -5.30 -1.01
C SER A 36 2.15 -4.11 -1.77
N CYS A 37 2.97 -3.53 -2.64
CA CYS A 37 2.55 -2.38 -3.44
C CYS A 37 1.72 -2.84 -4.64
N ALA A 38 0.47 -2.39 -4.68
CA ALA A 38 -0.43 -2.75 -5.77
C ALA A 38 -0.94 -1.51 -6.49
N HIS A 39 -1.52 -1.72 -7.67
CA HIS A 39 -2.05 -0.60 -8.46
C HIS A 39 -3.41 -0.16 -7.94
N ALA A 40 -3.42 0.93 -7.19
CA ALA A 40 -4.66 1.47 -6.63
C ALA A 40 -4.59 2.97 -6.46
N ASN A 41 -5.07 3.71 -7.45
CA ASN A 41 -5.06 5.16 -7.41
C ASN A 41 -6.30 5.70 -6.71
N LYS A 42 -7.47 5.36 -7.25
CA LYS A 42 -8.73 5.80 -6.68
C LYS A 42 -8.85 5.37 -5.22
N TYR A 43 -8.13 4.31 -4.86
CA TYR A 43 -8.15 3.80 -3.49
C TYR A 43 -7.16 4.54 -2.61
N PHE A 44 -5.87 4.41 -2.94
CA PHE A 44 -4.82 5.06 -2.19
C PHE A 44 -5.11 6.56 -2.02
N CYS A 45 -5.51 7.20 -3.11
CA CYS A 45 -5.81 8.63 -3.08
C CYS A 45 -6.76 8.96 -1.93
N ASN A 46 -7.82 8.16 -1.79
CA ASN A 46 -8.79 8.37 -0.72
C ASN A 46 -8.16 8.11 0.64
N ARG A 47 -7.26 7.14 0.71
CA ARG A 47 -6.59 6.80 1.95
C ARG A 47 -5.61 7.90 2.37
N LYS A 48 -4.97 8.52 1.38
CA LYS A 48 -4.01 9.59 1.64
C LYS A 48 -4.69 10.77 2.33
N LYS A 49 -5.71 11.33 1.68
CA LYS A 49 -6.43 12.46 2.24
C LYS A 49 -7.01 12.12 3.61
N GLU A 50 -7.15 10.82 3.89
CA GLU A 50 -7.68 10.37 5.16
C GLU A 50 -6.58 10.30 6.22
N LYS A 51 -5.46 9.68 5.87
CA LYS A 51 -4.34 9.55 6.79
C LYS A 51 -3.25 10.58 6.46
N CYS A 52 -2.55 10.37 5.36
CA CYS A 52 -1.48 11.27 4.94
C CYS A 52 -2.07 12.53 4.30
N LYS A 53 -2.88 13.25 5.05
CA LYS A 53 -3.50 14.48 4.55
C LYS A 53 -2.59 15.67 4.76
N LYS A 54 -1.82 15.64 5.84
CA LYS A 54 -0.90 16.73 6.16
C LYS A 54 0.42 16.56 5.40
N ALA A 55 1.05 15.41 5.58
CA ALA A 55 2.31 15.12 4.90
C ALA A 55 2.09 14.34 3.62
N ALA A 1 13.16 6.78 -1.56
CA ALA A 1 12.75 5.60 -2.32
C ALA A 1 11.48 4.98 -1.74
N CYS A 2 10.40 5.03 -2.51
CA CYS A 2 9.13 4.47 -2.07
C CYS A 2 9.05 2.97 -2.37
N ILE A 3 7.95 2.35 -1.97
CA ILE A 3 7.76 0.93 -2.19
C ILE A 3 6.81 0.68 -3.37
N PRO A 4 7.39 0.40 -4.54
CA PRO A 4 6.63 0.14 -5.76
C PRO A 4 5.87 -1.19 -5.70
N ARG A 5 4.86 -1.33 -6.55
CA ARG A 5 4.05 -2.55 -6.58
C ARG A 5 4.94 -3.78 -6.71
N GLY A 6 4.56 -4.86 -6.03
CA GLY A 6 5.33 -6.08 -6.08
C GLY A 6 6.10 -6.33 -4.80
N GLU A 7 6.56 -5.26 -4.16
CA GLU A 7 7.30 -5.36 -2.93
C GLU A 7 6.39 -5.27 -1.71
N ILE A 8 6.74 -5.98 -0.65
CA ILE A 8 5.94 -5.98 0.58
C ILE A 8 6.14 -4.67 1.35
N CYS A 9 5.02 -4.04 1.71
CA CYS A 9 5.07 -2.78 2.45
C CYS A 9 4.50 -2.96 3.86
N THR A 10 5.05 -2.22 4.82
CA THR A 10 4.60 -2.30 6.19
C THR A 10 3.54 -1.26 6.49
N ASP A 11 3.74 -0.05 5.96
CA ASP A 11 2.79 1.04 6.16
C ASP A 11 2.25 1.55 4.83
N ASP A 12 1.20 2.35 4.89
CA ASP A 12 0.59 2.92 3.69
C ASP A 12 1.46 4.01 3.10
N CYS A 13 1.80 5.00 3.92
CA CYS A 13 2.62 6.12 3.48
C CYS A 13 3.95 5.62 2.91
N GLU A 14 4.32 4.40 3.29
CA GLU A 14 5.56 3.81 2.80
C GLU A 14 5.50 3.53 1.31
N CYS A 15 4.32 3.15 0.83
CA CYS A 15 4.11 2.85 -0.58
C CYS A 15 4.25 4.11 -1.42
N CYS A 16 4.50 3.92 -2.72
CA CYS A 16 4.65 5.05 -3.64
C CYS A 16 3.40 5.92 -3.63
N GLY A 17 3.39 6.93 -4.50
CA GLY A 17 2.25 7.83 -4.59
C GLY A 17 0.98 7.11 -4.99
N CYS A 18 -0.01 7.87 -5.44
CA CYS A 18 -1.29 7.30 -5.86
C CYS A 18 -1.07 6.12 -6.79
N ASP A 19 -0.01 6.18 -7.58
CA ASP A 19 0.31 5.12 -8.52
C ASP A 19 0.18 3.75 -7.87
N ASN A 20 0.85 3.58 -6.73
CA ASN A 20 0.80 2.31 -6.01
C ASN A 20 0.18 2.50 -4.62
N GLN A 21 -0.44 1.44 -4.12
CA GLN A 21 -1.09 1.49 -2.81
C GLN A 21 -0.68 0.29 -1.97
N CYS A 22 -0.64 0.48 -0.66
CA CYS A 22 -0.27 -0.59 0.27
C CYS A 22 -1.49 -1.41 0.67
N TYR A 23 -1.67 -2.56 0.03
CA TYR A 23 -2.80 -3.43 0.32
C TYR A 23 -2.37 -4.62 1.17
N CYS A 24 -3.22 -5.00 2.12
CA CYS A 24 -2.92 -6.12 3.00
C CYS A 24 -3.88 -7.28 2.76
N PRO A 25 -3.68 -7.99 1.64
CA PRO A 25 -4.52 -9.13 1.25
C PRO A 25 -4.31 -10.33 2.17
N PRO A 26 -5.22 -11.32 2.07
CA PRO A 26 -5.16 -12.54 2.88
C PRO A 26 -3.97 -13.43 2.49
N GLY A 27 -2.95 -13.46 3.35
CA GLY A 27 -1.78 -14.27 3.08
C GLY A 27 -1.76 -15.54 3.93
N SER A 28 -2.69 -16.44 3.67
CA SER A 28 -2.78 -17.69 4.42
C SER A 28 -1.93 -18.78 3.75
N SER A 29 -1.86 -18.74 2.42
CA SER A 29 -1.08 -19.71 1.66
C SER A 29 0.41 -19.51 1.89
N LEU A 30 0.81 -18.26 2.06
CA LEU A 30 2.21 -17.92 2.28
C LEU A 30 2.55 -17.96 3.76
N GLY A 31 1.86 -17.13 4.55
CA GLY A 31 2.11 -17.08 5.98
C GLY A 31 0.87 -16.70 6.77
N ILE A 32 0.98 -15.65 7.57
CA ILE A 32 -0.14 -15.19 8.38
C ILE A 32 -0.56 -13.78 7.98
N PHE A 33 0.41 -12.97 7.56
CA PHE A 33 0.15 -11.59 7.14
C PHE A 33 1.15 -11.14 6.09
N LYS A 34 0.65 -10.79 4.91
CA LYS A 34 1.49 -10.34 3.81
C LYS A 34 0.86 -9.16 3.09
N CYS A 35 1.45 -7.98 3.25
CA CYS A 35 0.94 -6.77 2.61
C CYS A 35 1.79 -6.40 1.40
N SER A 36 1.19 -6.49 0.22
CA SER A 36 1.89 -6.16 -1.02
C SER A 36 1.33 -4.89 -1.65
N CYS A 37 2.19 -4.13 -2.32
CA CYS A 37 1.78 -2.89 -2.96
C CYS A 37 1.12 -3.17 -4.31
N ALA A 38 -0.05 -2.61 -4.51
CA ALA A 38 -0.78 -2.79 -5.76
C ALA A 38 -1.19 -1.45 -6.37
N HIS A 39 -1.15 -1.38 -7.70
CA HIS A 39 -1.52 -0.15 -8.41
C HIS A 39 -2.93 0.28 -8.06
N ALA A 40 -3.05 1.39 -7.34
CA ALA A 40 -4.36 1.90 -6.94
C ALA A 40 -4.31 3.42 -6.77
N ASN A 41 -4.83 4.13 -7.77
CA ASN A 41 -4.85 5.60 -7.73
C ASN A 41 -6.08 6.10 -6.99
N LYS A 42 -7.26 5.82 -7.55
CA LYS A 42 -8.52 6.24 -6.95
C LYS A 42 -8.63 5.75 -5.50
N TYR A 43 -7.91 4.67 -5.20
CA TYR A 43 -7.92 4.10 -3.86
C TYR A 43 -6.94 4.83 -2.94
N PHE A 44 -5.65 4.70 -3.25
CA PHE A 44 -4.61 5.34 -2.44
C PHE A 44 -4.92 6.81 -2.24
N CYS A 45 -5.27 7.50 -3.33
CA CYS A 45 -5.59 8.92 -3.28
C CYS A 45 -6.57 9.21 -2.14
N ASN A 46 -7.69 8.49 -2.13
CA ASN A 46 -8.71 8.66 -1.10
C ASN A 46 -8.19 8.21 0.26
N ARG A 47 -7.23 7.29 0.24
CA ARG A 47 -6.66 6.75 1.47
C ARG A 47 -5.68 7.76 2.08
N LYS A 48 -5.02 8.54 1.23
CA LYS A 48 -4.07 9.53 1.69
C LYS A 48 -4.77 10.69 2.40
N LYS A 49 -5.67 11.35 1.69
CA LYS A 49 -6.42 12.47 2.25
C LYS A 49 -7.04 12.10 3.60
N GLU A 50 -7.28 10.80 3.79
CA GLU A 50 -7.87 10.31 5.03
C GLU A 50 -6.78 9.97 6.05
N LYS A 51 -5.76 9.25 5.59
CA LYS A 51 -4.65 8.85 6.46
C LYS A 51 -3.44 9.75 6.23
N CYS A 52 -2.72 9.50 5.14
CA CYS A 52 -1.53 10.28 4.81
C CYS A 52 -1.92 11.64 4.23
N LYS A 53 -2.64 12.43 5.02
CA LYS A 53 -3.07 13.74 4.59
C LYS A 53 -2.04 14.81 4.97
N LYS A 54 -1.40 14.61 6.13
CA LYS A 54 -0.40 15.55 6.60
C LYS A 54 0.92 15.38 5.83
N ALA A 55 1.24 14.15 5.48
CA ALA A 55 2.45 13.86 4.74
C ALA A 55 2.34 14.30 3.28
N ALA A 1 12.91 4.54 -3.35
CA ALA A 1 12.67 5.04 -2.00
C ALA A 1 11.33 4.55 -1.46
N CYS A 2 10.34 4.49 -2.33
CA CYS A 2 9.00 4.05 -1.94
C CYS A 2 8.84 2.55 -2.17
N ILE A 3 7.70 2.01 -1.76
CA ILE A 3 7.42 0.59 -1.93
C ILE A 3 6.46 0.36 -3.09
N PRO A 4 7.02 0.03 -4.26
CA PRO A 4 6.23 -0.23 -5.46
C PRO A 4 5.44 -1.54 -5.37
N ARG A 5 4.54 -1.75 -6.32
CA ARG A 5 3.73 -2.96 -6.35
C ARG A 5 4.61 -4.21 -6.35
N GLY A 6 4.12 -5.27 -5.72
CA GLY A 6 4.87 -6.51 -5.67
C GLY A 6 5.73 -6.61 -4.43
N GLU A 7 6.19 -5.47 -3.93
CA GLU A 7 7.03 -5.43 -2.74
C GLU A 7 6.18 -5.35 -1.47
N ILE A 8 6.74 -5.83 -0.36
CA ILE A 8 6.03 -5.81 0.91
C ILE A 8 6.06 -4.42 1.53
N CYS A 9 4.97 -4.04 2.18
CA CYS A 9 4.86 -2.73 2.81
C CYS A 9 4.22 -2.86 4.19
N THR A 10 4.70 -2.06 5.15
CA THR A 10 4.17 -2.08 6.50
C THR A 10 3.19 -0.93 6.72
N ASP A 11 3.51 0.23 6.17
CA ASP A 11 2.65 1.41 6.30
C ASP A 11 2.06 1.80 4.95
N ASP A 12 1.01 2.62 5.00
CA ASP A 12 0.34 3.07 3.78
C ASP A 12 1.18 4.12 3.07
N CYS A 13 1.60 5.14 3.81
CA CYS A 13 2.41 6.22 3.26
C CYS A 13 3.77 5.70 2.79
N GLU A 14 4.10 4.49 3.22
CA GLU A 14 5.38 3.88 2.84
C GLU A 14 5.41 3.56 1.35
N CYS A 15 4.27 3.15 0.82
CA CYS A 15 4.17 2.80 -0.59
C CYS A 15 4.31 4.04 -1.47
N CYS A 16 4.54 3.82 -2.76
CA CYS A 16 4.70 4.91 -3.70
C CYS A 16 3.46 5.80 -3.73
N GLY A 17 3.44 6.78 -4.63
CA GLY A 17 2.31 7.67 -4.74
C GLY A 17 1.02 6.95 -5.10
N CYS A 18 0.04 7.70 -5.57
CA CYS A 18 -1.24 7.13 -5.95
C CYS A 18 -1.06 5.90 -6.85
N ASP A 19 0.01 5.92 -7.64
CA ASP A 19 0.31 4.82 -8.55
C ASP A 19 0.18 3.48 -7.83
N ASN A 20 0.92 3.32 -6.74
CA ASN A 20 0.88 2.08 -5.97
C ASN A 20 0.32 2.33 -4.57
N GLN A 21 -0.46 1.37 -4.07
CA GLN A 21 -1.06 1.49 -2.74
C GLN A 21 -0.68 0.30 -1.87
N CYS A 22 -0.64 0.53 -0.56
CA CYS A 22 -0.30 -0.53 0.39
C CYS A 22 -1.53 -1.33 0.80
N TYR A 23 -1.59 -2.58 0.37
CA TYR A 23 -2.71 -3.45 0.69
C TYR A 23 -2.26 -4.67 1.47
N CYS A 24 -3.12 -5.15 2.38
CA CYS A 24 -2.80 -6.32 3.19
C CYS A 24 -3.72 -7.48 2.84
N PRO A 25 -3.48 -8.10 1.68
CA PRO A 25 -4.28 -9.24 1.21
C PRO A 25 -4.04 -10.50 2.05
N PRO A 26 -4.90 -11.50 1.84
CA PRO A 26 -4.81 -12.78 2.57
C PRO A 26 -3.59 -13.60 2.14
N GLY A 27 -2.61 -13.70 3.04
CA GLY A 27 -1.41 -14.45 2.74
C GLY A 27 -1.38 -15.79 3.45
N SER A 28 -2.28 -16.69 3.06
CA SER A 28 -2.36 -18.01 3.66
C SER A 28 -1.45 -18.99 2.93
N SER A 29 -1.33 -18.82 1.62
CA SER A 29 -0.49 -19.69 0.80
C SER A 29 0.99 -19.47 1.11
N LEU A 30 1.35 -18.23 1.43
CA LEU A 30 2.72 -17.88 1.75
C LEU A 30 3.00 -18.07 3.23
N GLY A 31 2.25 -17.34 4.06
CA GLY A 31 2.44 -17.44 5.50
C GLY A 31 1.15 -17.17 6.26
N ILE A 32 1.19 -16.20 7.17
CA ILE A 32 0.02 -15.86 7.97
C ILE A 32 -0.45 -14.43 7.66
N PHE A 33 0.50 -13.55 7.38
CA PHE A 33 0.18 -12.16 7.07
C PHE A 33 1.21 -11.56 6.11
N LYS A 34 0.83 -11.43 4.85
CA LYS A 34 1.73 -10.88 3.83
C LYS A 34 1.08 -9.68 3.14
N CYS A 35 1.54 -8.49 3.50
CA CYS A 35 1.02 -7.26 2.90
C CYS A 35 1.85 -6.84 1.69
N SER A 36 1.18 -6.72 0.54
CA SER A 36 1.85 -6.32 -0.69
C SER A 36 1.18 -5.10 -1.30
N CYS A 37 1.97 -4.30 -2.03
CA CYS A 37 1.44 -3.11 -2.67
C CYS A 37 0.76 -3.45 -3.99
N ALA A 38 -0.26 -2.68 -4.34
CA ALA A 38 -1.00 -2.90 -5.58
C ALA A 38 -1.39 -1.58 -6.23
N HIS A 39 -1.46 -1.58 -7.56
CA HIS A 39 -1.82 -0.38 -8.30
C HIS A 39 -3.20 0.11 -7.90
N ALA A 40 -3.25 1.25 -7.21
CA ALA A 40 -4.51 1.84 -6.76
C ALA A 40 -4.41 3.35 -6.66
N ASN A 41 -4.89 4.04 -7.69
CA ASN A 41 -4.85 5.50 -7.71
C ASN A 41 -6.02 6.09 -6.93
N LYS A 42 -7.23 5.91 -7.46
CA LYS A 42 -8.44 6.41 -6.81
C LYS A 42 -8.49 5.99 -5.35
N TYR A 43 -7.98 4.80 -5.06
CA TYR A 43 -7.97 4.28 -3.70
C TYR A 43 -6.95 5.02 -2.84
N PHE A 44 -5.68 4.84 -3.16
CA PHE A 44 -4.61 5.50 -2.42
C PHE A 44 -4.88 6.99 -2.27
N CYS A 45 -5.21 7.64 -3.38
CA CYS A 45 -5.50 9.08 -3.38
C CYS A 45 -6.50 9.42 -2.27
N ASN A 46 -7.57 8.63 -2.18
CA ASN A 46 -8.59 8.86 -1.16
C ASN A 46 -8.07 8.51 0.22
N ARG A 47 -7.14 7.56 0.27
CA ARG A 47 -6.56 7.13 1.54
C ARG A 47 -5.69 8.24 2.15
N LYS A 48 -4.66 8.63 1.41
CA LYS A 48 -3.76 9.67 1.88
C LYS A 48 -4.53 10.92 2.30
N LYS A 49 -5.48 11.34 1.47
CA LYS A 49 -6.29 12.51 1.76
C LYS A 49 -6.92 12.40 3.15
N GLU A 50 -7.13 11.17 3.60
CA GLU A 50 -7.73 10.93 4.91
C GLU A 50 -6.65 10.72 5.98
N LYS A 51 -5.57 10.06 5.58
CA LYS A 51 -4.46 9.80 6.50
C LYS A 51 -3.32 10.80 6.28
N CYS A 52 -2.53 10.54 5.24
CA CYS A 52 -1.40 11.40 4.92
C CYS A 52 -1.87 12.66 4.20
N LYS A 53 -2.70 13.44 4.88
CA LYS A 53 -3.23 14.69 4.30
C LYS A 53 -2.32 15.87 4.63
N LYS A 54 -1.71 15.83 5.81
CA LYS A 54 -0.81 16.90 6.25
C LYS A 54 0.60 16.66 5.71
N ALA A 55 1.05 15.42 5.77
CA ALA A 55 2.39 15.06 5.29
C ALA A 55 2.39 14.87 3.77
N ALA A 1 13.48 6.15 -0.38
CA ALA A 1 12.63 5.95 -1.55
C ALA A 1 11.35 5.22 -1.18
N CYS A 2 10.44 5.11 -2.14
CA CYS A 2 9.17 4.42 -1.92
C CYS A 2 9.28 2.95 -2.27
N ILE A 3 8.31 2.16 -1.83
CA ILE A 3 8.30 0.72 -2.09
C ILE A 3 7.75 0.44 -3.48
N PRO A 4 8.47 -0.38 -4.25
CA PRO A 4 8.08 -0.76 -5.61
C PRO A 4 6.86 -1.68 -5.62
N ARG A 5 6.15 -1.70 -6.75
CA ARG A 5 4.96 -2.53 -6.89
C ARG A 5 5.33 -4.02 -6.84
N GLY A 6 4.77 -4.74 -5.89
CA GLY A 6 5.05 -6.16 -5.76
C GLY A 6 5.87 -6.47 -4.52
N GLU A 7 6.52 -5.46 -3.96
CA GLU A 7 7.34 -5.63 -2.78
C GLU A 7 6.50 -5.46 -1.51
N ILE A 8 6.86 -6.22 -0.47
CA ILE A 8 6.15 -6.15 0.80
C ILE A 8 6.30 -4.78 1.45
N CYS A 9 5.24 -4.31 2.10
CA CYS A 9 5.27 -3.01 2.76
C CYS A 9 4.83 -3.13 4.21
N THR A 10 5.45 -2.35 5.08
CA THR A 10 5.13 -2.37 6.51
C THR A 10 4.02 -1.38 6.83
N ASP A 11 4.19 -0.15 6.37
CA ASP A 11 3.20 0.90 6.62
C ASP A 11 2.45 1.26 5.33
N ASP A 12 1.41 2.07 5.47
CA ASP A 12 0.61 2.48 4.32
C ASP A 12 1.31 3.57 3.54
N CYS A 13 1.93 4.52 4.25
CA CYS A 13 2.63 5.62 3.62
C CYS A 13 3.99 5.17 3.10
N GLU A 14 4.33 3.91 3.36
CA GLU A 14 5.61 3.36 2.91
C GLU A 14 5.63 3.21 1.40
N CYS A 15 4.48 2.90 0.81
CA CYS A 15 4.36 2.72 -0.63
C CYS A 15 4.46 4.07 -1.34
N CYS A 16 4.66 4.02 -2.66
CA CYS A 16 4.78 5.23 -3.46
C CYS A 16 3.50 6.06 -3.38
N GLY A 17 3.37 7.03 -4.27
CA GLY A 17 2.20 7.88 -4.29
C GLY A 17 0.93 7.09 -4.55
N CYS A 18 -0.13 7.80 -4.95
CA CYS A 18 -1.41 7.17 -5.23
C CYS A 18 -1.23 5.95 -6.13
N ASP A 19 -0.23 6.01 -7.01
CA ASP A 19 0.05 4.91 -7.93
C ASP A 19 0.10 3.58 -7.17
N ASN A 20 0.97 3.50 -6.17
CA ASN A 20 1.12 2.29 -5.39
C ASN A 20 0.41 2.42 -4.04
N GLN A 21 -0.11 1.31 -3.54
CA GLN A 21 -0.81 1.31 -2.26
C GLN A 21 -0.46 0.06 -1.45
N CYS A 22 -0.43 0.21 -0.13
CA CYS A 22 -0.11 -0.90 0.75
C CYS A 22 -1.37 -1.70 1.10
N TYR A 23 -1.71 -2.65 0.25
CA TYR A 23 -2.89 -3.49 0.47
C TYR A 23 -2.51 -4.78 1.19
N CYS A 24 -3.43 -5.26 2.04
CA CYS A 24 -3.20 -6.49 2.79
C CYS A 24 -4.15 -7.59 2.35
N PRO A 25 -3.85 -8.19 1.18
CA PRO A 25 -4.66 -9.27 0.61
C PRO A 25 -4.56 -10.56 1.43
N PRO A 26 -5.44 -11.52 1.12
CA PRO A 26 -5.48 -12.82 1.81
C PRO A 26 -4.27 -13.68 1.47
N GLY A 27 -3.32 -13.75 2.39
CA GLY A 27 -2.13 -14.54 2.18
C GLY A 27 -2.08 -15.78 3.05
N SER A 28 -2.95 -16.74 2.78
CA SER A 28 -3.01 -17.96 3.56
C SER A 28 -2.05 -19.02 2.99
N SER A 29 -1.88 -19.00 1.67
CA SER A 29 -1.00 -19.96 1.02
C SER A 29 0.46 -19.67 1.35
N LEU A 30 0.79 -18.39 1.51
CA LEU A 30 2.15 -17.98 1.82
C LEU A 30 2.36 -17.93 3.34
N GLY A 31 1.55 -17.12 4.02
CA GLY A 31 1.67 -17.01 5.47
C GLY A 31 0.35 -16.69 6.13
N ILE A 32 0.32 -15.60 6.89
CA ILE A 32 -0.89 -15.19 7.59
C ILE A 32 -1.29 -13.77 7.19
N PHE A 33 -0.31 -12.89 7.07
CA PHE A 33 -0.55 -11.50 6.69
C PHE A 33 0.64 -10.93 5.94
N LYS A 34 0.43 -10.63 4.66
CA LYS A 34 1.49 -10.07 3.82
C LYS A 34 0.93 -8.96 2.92
N CYS A 35 1.32 -7.72 3.21
CA CYS A 35 0.87 -6.59 2.42
C CYS A 35 1.95 -6.14 1.44
N SER A 36 1.53 -5.86 0.20
CA SER A 36 2.46 -5.42 -0.83
C SER A 36 1.93 -4.20 -1.56
N CYS A 37 2.76 -3.61 -2.41
CA CYS A 37 2.38 -2.44 -3.18
C CYS A 37 1.50 -2.82 -4.37
N ALA A 38 0.28 -2.28 -4.39
CA ALA A 38 -0.65 -2.57 -5.48
C ALA A 38 -1.10 -1.29 -6.17
N HIS A 39 -1.70 -1.43 -7.35
CA HIS A 39 -2.17 -0.29 -8.12
C HIS A 39 -3.51 0.20 -7.60
N ALA A 40 -3.48 1.27 -6.82
CA ALA A 40 -4.70 1.85 -6.25
C ALA A 40 -4.55 3.35 -6.04
N ASN A 41 -5.03 4.13 -7.00
CA ASN A 41 -4.94 5.59 -6.91
C ASN A 41 -6.17 6.16 -6.21
N LYS A 42 -7.35 5.81 -6.71
CA LYS A 42 -8.60 6.29 -6.13
C LYS A 42 -8.73 5.83 -4.69
N TYR A 43 -7.97 4.82 -4.32
CA TYR A 43 -8.01 4.28 -2.96
C TYR A 43 -6.94 4.94 -2.09
N PHE A 44 -5.68 4.73 -2.45
CA PHE A 44 -4.57 5.30 -1.70
C PHE A 44 -4.78 6.79 -1.46
N CYS A 45 -5.20 7.50 -2.51
CA CYS A 45 -5.44 8.93 -2.41
C CYS A 45 -6.33 9.26 -1.22
N ASN A 46 -7.57 8.80 -1.27
CA ASN A 46 -8.52 9.05 -0.19
C ASN A 46 -7.97 8.55 1.15
N ARG A 47 -7.09 7.56 1.08
CA ARG A 47 -6.48 6.99 2.28
C ARG A 47 -5.41 7.92 2.83
N LYS A 48 -4.74 8.64 1.94
CA LYS A 48 -3.69 9.57 2.32
C LYS A 48 -4.24 10.71 3.16
N LYS A 49 -5.22 11.42 2.61
CA LYS A 49 -5.85 12.55 3.29
C LYS A 49 -6.26 12.14 4.71
N GLU A 50 -6.53 10.86 4.91
CA GLU A 50 -6.94 10.35 6.21
C GLU A 50 -5.73 9.90 7.02
N LYS A 51 -4.72 9.39 6.32
CA LYS A 51 -3.50 8.92 6.96
C LYS A 51 -2.39 9.96 6.88
N CYS A 52 -1.73 10.02 5.73
CA CYS A 52 -0.65 10.98 5.52
C CYS A 52 -1.20 12.41 5.44
N LYS A 53 -1.77 12.74 4.28
CA LYS A 53 -2.33 14.07 4.07
C LYS A 53 -2.91 14.20 2.67
N LYS A 54 -3.39 15.39 2.34
CA LYS A 54 -3.96 15.65 1.02
C LYS A 54 -2.93 16.27 0.09
N ALA A 55 -1.75 15.66 0.04
CA ALA A 55 -0.67 16.16 -0.81
C ALA A 55 -0.73 15.50 -2.19
N ALA A 1 12.99 5.72 -3.74
CA ALA A 1 12.69 6.00 -2.34
C ALA A 1 11.47 5.24 -1.86
N CYS A 2 10.44 5.20 -2.71
CA CYS A 2 9.21 4.50 -2.37
C CYS A 2 9.29 3.03 -2.73
N ILE A 3 8.38 2.23 -2.19
CA ILE A 3 8.36 0.80 -2.45
C ILE A 3 7.77 0.50 -3.83
N PRO A 4 8.49 -0.33 -4.60
CA PRO A 4 8.07 -0.72 -5.94
C PRO A 4 6.84 -1.64 -5.93
N ARG A 5 6.16 -1.71 -7.06
CA ARG A 5 4.97 -2.56 -7.17
C ARG A 5 5.35 -4.03 -7.12
N GLY A 6 4.82 -4.74 -6.12
CA GLY A 6 5.11 -6.15 -5.97
C GLY A 6 5.93 -6.44 -4.74
N GLU A 7 6.56 -5.41 -4.18
CA GLU A 7 7.38 -5.57 -2.99
C GLU A 7 6.54 -5.40 -1.72
N ILE A 8 6.91 -6.13 -0.68
CA ILE A 8 6.19 -6.06 0.58
C ILE A 8 6.35 -4.70 1.23
N CYS A 9 5.29 -4.22 1.87
CA CYS A 9 5.31 -2.91 2.52
C CYS A 9 4.76 -3.02 3.94
N THR A 10 5.32 -2.22 4.85
CA THR A 10 4.90 -2.22 6.24
C THR A 10 3.78 -1.20 6.48
N ASP A 11 4.02 0.03 6.05
CA ASP A 11 3.04 1.10 6.21
C ASP A 11 2.40 1.47 4.88
N ASP A 12 1.36 2.28 4.92
CA ASP A 12 0.66 2.71 3.72
C ASP A 12 1.45 3.80 2.99
N CYS A 13 1.93 4.79 3.75
CA CYS A 13 2.68 5.89 3.19
C CYS A 13 4.03 5.40 2.65
N GLU A 14 4.39 4.17 2.99
CA GLU A 14 5.65 3.58 2.53
C GLU A 14 5.61 3.33 1.03
N CYS A 15 4.44 3.00 0.51
CA CYS A 15 4.28 2.73 -0.91
C CYS A 15 4.38 4.02 -1.72
N CYS A 16 4.59 3.88 -3.03
CA CYS A 16 4.72 5.04 -3.91
C CYS A 16 3.45 5.88 -3.87
N GLY A 17 3.39 6.89 -4.75
CA GLY A 17 2.23 7.76 -4.79
C GLY A 17 0.95 7.01 -5.12
N CYS A 18 -0.08 7.74 -5.54
CA CYS A 18 -1.36 7.14 -5.88
C CYS A 18 -1.17 5.94 -6.81
N ASP A 19 -0.13 6.01 -7.64
CA ASP A 19 0.16 4.93 -8.58
C ASP A 19 0.13 3.57 -7.88
N ASN A 20 0.84 3.47 -6.76
CA ASN A 20 0.89 2.23 -6.00
C ASN A 20 0.22 2.40 -4.64
N GLN A 21 -0.26 1.30 -4.07
CA GLN A 21 -0.92 1.32 -2.78
C GLN A 21 -0.54 0.11 -1.94
N CYS A 22 -0.46 0.30 -0.63
CA CYS A 22 -0.11 -0.79 0.28
C CYS A 22 -1.34 -1.58 0.70
N TYR A 23 -1.70 -2.57 -0.12
CA TYR A 23 -2.86 -3.41 0.16
C TYR A 23 -2.48 -4.61 1.01
N CYS A 24 -3.36 -5.00 1.92
CA CYS A 24 -3.13 -6.14 2.79
C CYS A 24 -4.09 -7.28 2.49
N PRO A 25 -3.82 -8.00 1.39
CA PRO A 25 -4.65 -9.13 0.96
C PRO A 25 -4.52 -10.32 1.89
N PRO A 26 -5.42 -11.30 1.72
CA PRO A 26 -5.44 -12.52 2.55
C PRO A 26 -4.25 -13.43 2.25
N GLY A 27 -3.28 -13.45 3.16
CA GLY A 27 -2.11 -14.28 2.99
C GLY A 27 -2.10 -15.47 3.92
N SER A 28 -3.00 -16.42 3.68
CA SER A 28 -3.08 -17.61 4.51
C SER A 28 -2.17 -18.71 3.98
N SER A 29 -2.02 -18.75 2.67
CA SER A 29 -1.18 -19.76 2.03
C SER A 29 0.30 -19.52 2.34
N LEU A 30 0.67 -18.25 2.46
CA LEU A 30 2.04 -17.88 2.77
C LEU A 30 2.27 -17.79 4.28
N GLY A 31 1.52 -16.91 4.92
CA GLY A 31 1.64 -16.74 6.36
C GLY A 31 0.34 -16.31 7.02
N ILE A 32 0.39 -15.17 7.70
CA ILE A 32 -0.80 -14.65 8.37
C ILE A 32 -1.17 -13.27 7.84
N PHE A 33 -0.15 -12.48 7.50
CA PHE A 33 -0.37 -11.14 6.98
C PHE A 33 0.76 -10.73 6.03
N LYS A 34 0.39 -10.28 4.84
CA LYS A 34 1.36 -9.86 3.85
C LYS A 34 0.79 -8.76 2.96
N CYS A 35 1.38 -7.57 3.05
CA CYS A 35 0.93 -6.43 2.25
C CYS A 35 1.99 -6.03 1.24
N SER A 36 1.56 -5.73 0.01
CA SER A 36 2.48 -5.34 -1.05
C SER A 36 1.92 -4.16 -1.83
N CYS A 37 2.76 -3.56 -2.68
CA CYS A 37 2.36 -2.41 -3.48
C CYS A 37 1.52 -2.86 -4.68
N ALA A 38 0.31 -2.33 -4.78
CA ALA A 38 -0.59 -2.68 -5.88
C ALA A 38 -1.13 -1.43 -6.56
N HIS A 39 -1.34 -1.50 -7.87
CA HIS A 39 -1.85 -0.38 -8.63
C HIS A 39 -3.22 0.06 -8.11
N ALA A 40 -3.24 1.18 -7.40
CA ALA A 40 -4.48 1.70 -6.84
C ALA A 40 -4.42 3.21 -6.70
N ASN A 41 -4.94 3.92 -7.71
CA ASN A 41 -4.95 5.38 -7.70
C ASN A 41 -6.17 5.92 -6.97
N LYS A 42 -7.36 5.52 -7.43
CA LYS A 42 -8.60 5.95 -6.82
C LYS A 42 -8.70 5.49 -5.38
N TYR A 43 -7.92 4.47 -5.04
CA TYR A 43 -7.90 3.92 -3.69
C TYR A 43 -6.91 4.66 -2.80
N PHE A 44 -5.63 4.54 -3.14
CA PHE A 44 -4.58 5.20 -2.38
C PHE A 44 -4.90 6.68 -2.15
N CYS A 45 -5.24 7.37 -3.24
CA CYS A 45 -5.57 8.79 -3.16
C CYS A 45 -6.54 9.05 -2.02
N ASN A 46 -7.68 8.37 -2.04
CA ASN A 46 -8.69 8.53 -1.01
C ASN A 46 -8.16 8.10 0.35
N ARG A 47 -7.22 7.16 0.34
CA ARG A 47 -6.63 6.66 1.58
C ARG A 47 -5.75 7.73 2.24
N LYS A 48 -4.85 8.30 1.44
CA LYS A 48 -3.95 9.34 1.94
C LYS A 48 -4.73 10.45 2.63
N LYS A 49 -5.77 10.94 1.95
CA LYS A 49 -6.60 12.01 2.49
C LYS A 49 -7.20 11.61 3.83
N GLU A 50 -7.25 10.30 4.09
CA GLU A 50 -7.80 9.80 5.34
C GLU A 50 -6.69 9.59 6.37
N LYS A 51 -5.56 9.05 5.93
CA LYS A 51 -4.43 8.80 6.82
C LYS A 51 -3.37 9.89 6.66
N CYS A 52 -2.58 9.80 5.60
CA CYS A 52 -1.53 10.79 5.34
C CYS A 52 -2.12 12.07 4.77
N LYS A 53 -3.01 12.70 5.53
CA LYS A 53 -3.64 13.95 5.10
C LYS A 53 -2.81 15.15 5.52
N LYS A 54 -2.15 15.05 6.67
CA LYS A 54 -1.32 16.13 7.17
C LYS A 54 0.05 16.13 6.50
N ALA A 55 0.57 14.94 6.25
CA ALA A 55 1.88 14.80 5.60
C ALA A 55 1.78 15.10 4.11
N ALA A 1 13.22 5.80 -3.60
CA ALA A 1 13.04 5.89 -2.16
C ALA A 1 11.77 5.16 -1.73
N CYS A 2 10.72 5.27 -2.53
CA CYS A 2 9.45 4.62 -2.24
C CYS A 2 9.51 3.14 -2.53
N ILE A 3 8.41 2.43 -2.28
CA ILE A 3 8.35 0.99 -2.52
C ILE A 3 7.75 0.70 -3.89
N PRO A 4 8.54 0.05 -4.75
CA PRO A 4 8.12 -0.31 -6.11
C PRO A 4 7.06 -1.41 -6.10
N ARG A 5 6.04 -1.25 -6.94
CA ARG A 5 4.96 -2.22 -7.03
C ARG A 5 5.52 -3.62 -7.30
N GLY A 6 4.99 -4.61 -6.59
CA GLY A 6 5.45 -5.98 -6.77
C GLY A 6 6.14 -6.52 -5.54
N GLU A 7 6.82 -5.65 -4.80
CA GLU A 7 7.53 -6.05 -3.60
C GLU A 7 6.66 -5.86 -2.36
N ILE A 8 7.14 -6.36 -1.22
CA ILE A 8 6.40 -6.25 0.02
C ILE A 8 6.58 -4.86 0.64
N CYS A 9 5.51 -4.35 1.24
CA CYS A 9 5.54 -3.03 1.87
C CYS A 9 5.14 -3.13 3.34
N THR A 10 5.63 -2.19 4.15
CA THR A 10 5.32 -2.16 5.57
C THR A 10 4.19 -1.17 5.86
N ASP A 11 4.39 0.08 5.47
CA ASP A 11 3.40 1.12 5.70
C ASP A 11 2.64 1.43 4.41
N ASP A 12 1.57 2.21 4.53
CA ASP A 12 0.76 2.58 3.38
C ASP A 12 1.40 3.73 2.61
N CYS A 13 1.70 4.82 3.31
CA CYS A 13 2.31 5.99 2.69
C CYS A 13 3.70 5.65 2.15
N GLU A 14 4.23 4.51 2.58
CA GLU A 14 5.55 4.06 2.14
C GLU A 14 5.55 3.72 0.66
N CYS A 15 4.39 3.30 0.16
CA CYS A 15 4.26 2.94 -1.25
C CYS A 15 4.66 4.10 -2.15
N CYS A 16 4.78 3.82 -3.45
CA CYS A 16 5.16 4.84 -4.41
C CYS A 16 3.96 5.71 -4.79
N GLY A 17 3.76 6.80 -4.05
CA GLY A 17 2.65 7.69 -4.33
C GLY A 17 1.33 6.95 -4.46
N CYS A 18 0.33 7.62 -5.02
CA CYS A 18 -0.98 7.02 -5.21
C CYS A 18 -0.90 5.82 -6.13
N ASP A 19 -0.12 5.94 -7.20
CA ASP A 19 0.03 4.86 -8.16
C ASP A 19 0.25 3.52 -7.44
N ASN A 20 0.93 3.58 -6.31
CA ASN A 20 1.21 2.37 -5.53
C ASN A 20 0.45 2.39 -4.21
N GLN A 21 -0.21 1.29 -3.90
CA GLN A 21 -0.98 1.17 -2.66
C GLN A 21 -0.60 -0.09 -1.90
N CYS A 22 -0.49 0.04 -0.57
CA CYS A 22 -0.14 -1.10 0.27
C CYS A 22 -1.38 -1.89 0.66
N TYR A 23 -1.68 -2.92 -0.13
CA TYR A 23 -2.84 -3.76 0.13
C TYR A 23 -2.46 -4.94 1.04
N CYS A 24 -3.32 -5.21 2.01
CA CYS A 24 -3.09 -6.30 2.95
C CYS A 24 -4.12 -7.41 2.77
N PRO A 25 -3.94 -8.21 1.72
CA PRO A 25 -4.85 -9.32 1.40
C PRO A 25 -4.74 -10.46 2.41
N PRO A 26 -5.69 -11.40 2.35
CA PRO A 26 -5.73 -12.56 3.24
C PRO A 26 -4.59 -13.55 2.97
N GLY A 27 -3.43 -13.30 3.57
CA GLY A 27 -2.29 -14.17 3.37
C GLY A 27 -2.25 -15.30 4.38
N SER A 28 -3.27 -16.15 4.35
CA SER A 28 -3.35 -17.28 5.28
C SER A 28 -2.66 -18.51 4.70
N SER A 29 -2.74 -18.65 3.37
CA SER A 29 -2.12 -19.78 2.69
C SER A 29 -0.59 -19.67 2.73
N LEU A 30 -0.09 -18.45 2.67
CA LEU A 30 1.35 -18.21 2.70
C LEU A 30 1.84 -18.05 4.14
N GLY A 31 1.27 -17.09 4.85
CA GLY A 31 1.66 -16.86 6.22
C GLY A 31 0.53 -16.34 7.07
N ILE A 32 0.74 -15.20 7.73
CA ILE A 32 -0.28 -14.59 8.58
C ILE A 32 -0.63 -13.20 8.08
N PHE A 33 0.38 -12.43 7.68
CA PHE A 33 0.17 -11.08 7.20
C PHE A 33 1.23 -10.69 6.17
N LYS A 34 0.78 -10.29 4.99
CA LYS A 34 1.70 -9.89 3.92
C LYS A 34 1.06 -8.84 3.03
N CYS A 35 1.63 -7.63 3.04
CA CYS A 35 1.11 -6.54 2.23
C CYS A 35 2.12 -6.13 1.16
N SER A 36 1.64 -5.89 -0.05
CA SER A 36 2.49 -5.50 -1.16
C SER A 36 1.93 -4.28 -1.87
N CYS A 37 2.78 -3.61 -2.65
CA CYS A 37 2.37 -2.43 -3.40
C CYS A 37 1.63 -2.81 -4.67
N ALA A 38 0.41 -2.32 -4.81
CA ALA A 38 -0.41 -2.62 -5.99
C ALA A 38 -0.77 -1.33 -6.73
N HIS A 39 -1.29 -1.49 -7.95
CA HIS A 39 -1.68 -0.34 -8.77
C HIS A 39 -3.05 0.17 -8.35
N ALA A 40 -3.06 1.19 -7.49
CA ALA A 40 -4.31 1.78 -7.01
C ALA A 40 -4.12 3.25 -6.66
N ASN A 41 -4.32 4.12 -7.66
CA ASN A 41 -4.18 5.56 -7.45
C ASN A 41 -5.51 6.18 -7.06
N LYS A 42 -6.57 5.80 -7.76
CA LYS A 42 -7.90 6.32 -7.49
C LYS A 42 -8.40 5.87 -6.12
N TYR A 43 -7.77 4.83 -5.59
CA TYR A 43 -8.14 4.30 -4.29
C TYR A 43 -7.24 4.85 -3.18
N PHE A 44 -5.94 4.66 -3.36
CA PHE A 44 -4.96 5.13 -2.38
C PHE A 44 -5.19 6.60 -2.06
N CYS A 45 -5.34 7.42 -3.09
CA CYS A 45 -5.57 8.85 -2.92
C CYS A 45 -6.67 9.11 -1.89
N ASN A 46 -7.82 8.47 -2.10
CA ASN A 46 -8.96 8.63 -1.20
C ASN A 46 -8.57 8.24 0.22
N ARG A 47 -7.67 7.28 0.34
CA ARG A 47 -7.22 6.82 1.65
C ARG A 47 -6.25 7.82 2.27
N LYS A 48 -5.45 8.46 1.44
CA LYS A 48 -4.47 9.44 1.90
C LYS A 48 -5.15 10.55 2.67
N LYS A 49 -6.12 11.21 2.05
CA LYS A 49 -6.85 12.30 2.68
C LYS A 49 -7.51 11.84 3.97
N GLU A 50 -7.68 10.52 4.11
CA GLU A 50 -8.30 9.95 5.29
C GLU A 50 -7.26 9.70 6.38
N LYS A 51 -6.15 9.08 5.99
CA LYS A 51 -5.07 8.79 6.94
C LYS A 51 -3.94 9.79 6.79
N CYS A 52 -3.20 9.69 5.69
CA CYS A 52 -2.07 10.58 5.44
C CYS A 52 -2.57 11.95 4.97
N LYS A 53 -3.38 12.60 5.80
CA LYS A 53 -3.92 13.92 5.48
C LYS A 53 -2.97 15.02 5.94
N LYS A 54 -2.29 14.78 7.06
CA LYS A 54 -1.35 15.76 7.60
C LYS A 54 0.02 15.62 6.93
N ALA A 55 0.42 14.39 6.64
CA ALA A 55 1.70 14.13 6.01
C ALA A 55 1.69 14.58 4.55
N ALA A 1 12.88 7.48 -0.59
CA ALA A 1 12.46 6.58 -1.65
C ALA A 1 11.26 5.75 -1.22
N CYS A 2 10.32 5.55 -2.15
CA CYS A 2 9.12 4.78 -1.87
C CYS A 2 9.27 3.33 -2.35
N ILE A 3 8.41 2.46 -1.85
CA ILE A 3 8.44 1.05 -2.22
C ILE A 3 7.92 0.83 -3.63
N PRO A 4 8.69 0.11 -4.45
CA PRO A 4 8.32 -0.18 -5.84
C PRO A 4 7.15 -1.16 -5.93
N ARG A 5 6.50 -1.19 -7.09
CA ARG A 5 5.37 -2.08 -7.30
C ARG A 5 5.80 -3.54 -7.32
N GLY A 6 5.11 -4.36 -6.54
CA GLY A 6 5.45 -5.78 -6.48
C GLY A 6 6.27 -6.12 -5.25
N GLU A 7 6.84 -5.10 -4.61
CA GLU A 7 7.66 -5.31 -3.43
C GLU A 7 6.80 -5.26 -2.16
N ILE A 8 7.19 -6.04 -1.15
CA ILE A 8 6.46 -6.08 0.10
C ILE A 8 6.51 -4.74 0.82
N CYS A 9 5.41 -4.37 1.47
CA CYS A 9 5.32 -3.11 2.19
C CYS A 9 4.83 -3.33 3.61
N THR A 10 5.40 -2.59 4.56
CA THR A 10 5.02 -2.71 5.96
C THR A 10 3.91 -1.72 6.31
N ASP A 11 4.12 -0.46 5.94
CA ASP A 11 3.14 0.58 6.22
C ASP A 11 2.48 1.07 4.93
N ASP A 12 1.39 1.82 5.07
CA ASP A 12 0.67 2.35 3.91
C ASP A 12 1.42 3.52 3.29
N CYS A 13 1.79 4.49 4.13
CA CYS A 13 2.52 5.67 3.66
C CYS A 13 3.87 5.28 3.07
N GLU A 14 4.31 4.07 3.38
CA GLU A 14 5.59 3.57 2.89
C GLU A 14 5.56 3.36 1.38
N CYS A 15 4.38 2.98 0.88
CA CYS A 15 4.21 2.75 -0.56
C CYS A 15 4.29 4.06 -1.33
N CYS A 16 4.54 3.97 -2.63
CA CYS A 16 4.64 5.14 -3.49
C CYS A 16 3.35 5.95 -3.45
N GLY A 17 3.28 6.99 -4.28
CA GLY A 17 2.09 7.82 -4.32
C GLY A 17 0.85 7.05 -4.71
N CYS A 18 -0.19 7.77 -5.13
CA CYS A 18 -1.44 7.15 -5.53
C CYS A 18 -1.20 5.99 -6.50
N ASP A 19 -0.13 6.12 -7.29
CA ASP A 19 0.21 5.09 -8.27
C ASP A 19 0.16 3.70 -7.63
N ASN A 20 0.90 3.54 -6.53
CA ASN A 20 0.95 2.27 -5.82
C ASN A 20 0.28 2.38 -4.46
N GLN A 21 -0.24 1.26 -3.96
CA GLN A 21 -0.90 1.23 -2.67
C GLN A 21 -0.51 -0.01 -1.88
N CYS A 22 -0.45 0.12 -0.55
CA CYS A 22 -0.09 -1.00 0.30
C CYS A 22 -1.31 -1.83 0.66
N TYR A 23 -1.61 -2.83 -0.16
CA TYR A 23 -2.76 -3.70 0.07
C TYR A 23 -2.37 -4.89 0.93
N CYS A 24 -3.25 -5.26 1.86
CA CYS A 24 -2.99 -6.39 2.74
C CYS A 24 -4.08 -7.45 2.59
N PRO A 25 -4.00 -8.22 1.49
CA PRO A 25 -4.97 -9.29 1.20
C PRO A 25 -4.83 -10.47 2.16
N PRO A 26 -5.82 -11.37 2.13
CA PRO A 26 -5.84 -12.55 2.98
C PRO A 26 -4.77 -13.58 2.58
N GLY A 27 -3.67 -13.59 3.33
CA GLY A 27 -2.58 -14.51 3.03
C GLY A 27 -2.50 -15.63 4.04
N SER A 28 -3.49 -16.52 4.02
CA SER A 28 -3.53 -17.66 4.95
C SER A 28 -2.79 -18.85 4.37
N SER A 29 -2.87 -19.01 3.04
CA SER A 29 -2.22 -20.12 2.37
C SER A 29 -0.70 -19.96 2.40
N LEU A 30 -0.24 -18.71 2.34
CA LEU A 30 1.18 -18.42 2.36
C LEU A 30 1.69 -18.25 3.79
N GLY A 31 1.10 -17.29 4.50
CA GLY A 31 1.50 -17.05 5.87
C GLY A 31 0.36 -16.51 6.72
N ILE A 32 0.58 -15.36 7.35
CA ILE A 32 -0.43 -14.74 8.19
C ILE A 32 -0.75 -13.32 7.74
N PHE A 33 0.29 -12.61 7.32
CA PHE A 33 0.14 -11.23 6.85
C PHE A 33 1.20 -10.88 5.81
N LYS A 34 0.75 -10.44 4.64
CA LYS A 34 1.66 -10.07 3.57
C LYS A 34 1.05 -8.98 2.69
N CYS A 35 1.69 -7.82 2.68
CA CYS A 35 1.22 -6.69 1.88
C CYS A 35 2.23 -6.31 0.82
N SER A 36 1.75 -5.72 -0.28
CA SER A 36 2.62 -5.30 -1.37
C SER A 36 2.04 -4.08 -2.09
N CYS A 37 2.89 -3.42 -2.88
CA CYS A 37 2.46 -2.24 -3.62
C CYS A 37 1.66 -2.63 -4.86
N ALA A 38 0.38 -2.26 -4.87
CA ALA A 38 -0.49 -2.58 -5.99
C ALA A 38 -1.04 -1.30 -6.63
N HIS A 39 -1.31 -1.36 -7.93
CA HIS A 39 -1.85 -0.21 -8.65
C HIS A 39 -3.22 0.19 -8.10
N ALA A 40 -3.25 1.27 -7.33
CA ALA A 40 -4.49 1.75 -6.74
C ALA A 40 -4.44 3.26 -6.53
N ASN A 41 -4.97 4.01 -7.49
CA ASN A 41 -4.99 5.46 -7.41
C ASN A 41 -6.16 5.94 -6.56
N LYS A 42 -7.36 5.77 -7.08
CA LYS A 42 -8.58 6.19 -6.37
C LYS A 42 -8.59 5.63 -4.94
N TYR A 43 -8.02 4.44 -4.77
CA TYR A 43 -7.97 3.81 -3.46
C TYR A 43 -6.97 4.51 -2.55
N PHE A 44 -5.69 4.41 -2.90
CA PHE A 44 -4.63 5.04 -2.12
C PHE A 44 -4.96 6.51 -1.85
N CYS A 45 -5.37 7.22 -2.89
CA CYS A 45 -5.70 8.64 -2.78
C CYS A 45 -6.66 8.87 -1.61
N ASN A 46 -7.64 7.96 -1.46
CA ASN A 46 -8.62 8.07 -0.39
C ASN A 46 -8.02 7.62 0.95
N ARG A 47 -7.01 6.76 0.87
CA ARG A 47 -6.35 6.25 2.07
C ARG A 47 -5.45 7.32 2.69
N LYS A 48 -4.78 8.08 1.83
CA LYS A 48 -3.89 9.13 2.30
C LYS A 48 -4.67 10.30 2.89
N LYS A 49 -5.63 10.81 2.13
CA LYS A 49 -6.45 11.92 2.58
C LYS A 49 -7.02 11.65 3.96
N GLU A 50 -7.21 10.38 4.28
CA GLU A 50 -7.75 9.99 5.58
C GLU A 50 -6.62 9.67 6.56
N LYS A 51 -5.54 9.10 6.05
CA LYS A 51 -4.39 8.75 6.87
C LYS A 51 -3.27 9.77 6.71
N CYS A 52 -2.51 9.64 5.64
CA CYS A 52 -1.40 10.54 5.36
C CYS A 52 -1.86 11.71 4.49
N LYS A 53 -2.70 12.58 5.05
CA LYS A 53 -3.21 13.74 4.33
C LYS A 53 -2.07 14.52 3.69
N LYS A 54 -2.42 15.49 2.85
CA LYS A 54 -1.44 16.32 2.18
C LYS A 54 -0.72 17.24 3.16
N ALA A 55 0.25 16.70 3.88
CA ALA A 55 1.01 17.47 4.85
C ALA A 55 2.44 16.95 4.98
N ALA A 1 12.74 5.77 -3.36
CA ALA A 1 12.54 5.99 -1.94
C ALA A 1 11.32 5.21 -1.43
N CYS A 2 10.27 5.18 -2.24
CA CYS A 2 9.04 4.48 -1.88
C CYS A 2 9.17 2.99 -2.17
N ILE A 3 8.28 2.20 -1.56
CA ILE A 3 8.30 0.75 -1.76
C ILE A 3 7.77 0.38 -3.14
N PRO A 4 8.55 -0.44 -3.87
CA PRO A 4 8.20 -0.88 -5.22
C PRO A 4 7.02 -1.85 -5.20
N ARG A 5 6.34 -1.97 -6.35
CA ARG A 5 5.20 -2.87 -6.47
C ARG A 5 5.62 -4.32 -6.32
N GLY A 6 4.87 -5.08 -5.52
CA GLY A 6 5.18 -6.47 -5.30
C GLY A 6 5.98 -6.69 -4.03
N GLU A 7 6.56 -5.62 -3.51
CA GLU A 7 7.36 -5.71 -2.29
C GLU A 7 6.48 -5.52 -1.05
N ILE A 8 6.90 -6.10 0.06
CA ILE A 8 6.16 -6.01 1.31
C ILE A 8 6.19 -4.58 1.84
N CYS A 9 5.08 -4.15 2.44
CA CYS A 9 4.98 -2.81 3.00
C CYS A 9 4.59 -2.86 4.47
N THR A 10 5.08 -1.89 5.25
CA THR A 10 4.79 -1.82 6.67
C THR A 10 3.69 -0.81 6.96
N ASP A 11 3.83 0.38 6.40
CA ASP A 11 2.84 1.44 6.60
C ASP A 11 2.15 1.79 5.29
N ASP A 12 1.12 2.62 5.38
CA ASP A 12 0.36 3.03 4.20
C ASP A 12 1.14 4.06 3.39
N CYS A 13 1.66 5.07 4.08
CA CYS A 13 2.43 6.13 3.43
C CYS A 13 3.78 5.61 2.95
N GLU A 14 4.12 4.40 3.36
CA GLU A 14 5.38 3.78 2.98
C GLU A 14 5.40 3.45 1.49
N CYS A 15 4.23 3.06 0.97
CA CYS A 15 4.11 2.70 -0.44
C CYS A 15 4.21 3.94 -1.32
N CYS A 16 4.46 3.73 -2.61
CA CYS A 16 4.57 4.83 -3.56
C CYS A 16 3.29 5.65 -3.59
N GLY A 17 3.24 6.62 -4.52
CA GLY A 17 2.08 7.47 -4.64
C GLY A 17 0.82 6.68 -5.00
N CYS A 18 -0.17 7.39 -5.53
CA CYS A 18 -1.43 6.75 -5.90
C CYS A 18 -1.18 5.49 -6.72
N ASP A 19 -0.08 5.48 -7.47
CA ASP A 19 0.28 4.33 -8.29
C ASP A 19 0.19 3.04 -7.48
N ASN A 20 0.94 2.98 -6.38
CA ASN A 20 0.96 1.81 -5.53
C ASN A 20 0.22 2.08 -4.22
N GLN A 21 -0.22 1.01 -3.55
CA GLN A 21 -0.93 1.14 -2.29
C GLN A 21 -0.60 -0.02 -1.35
N CYS A 22 -0.58 0.27 -0.05
CA CYS A 22 -0.28 -0.75 0.95
C CYS A 22 -1.54 -1.50 1.37
N TYR A 23 -1.85 -2.57 0.64
CA TYR A 23 -3.02 -3.37 0.95
C TYR A 23 -2.66 -4.60 1.78
N CYS A 24 -3.49 -4.89 2.78
CA CYS A 24 -3.25 -6.03 3.66
C CYS A 24 -4.37 -7.06 3.52
N PRO A 25 -4.43 -7.72 2.36
CA PRO A 25 -5.45 -8.75 2.09
C PRO A 25 -5.24 -10.01 2.91
N PRO A 26 -6.28 -10.85 2.97
CA PRO A 26 -6.24 -12.11 3.72
C PRO A 26 -5.32 -13.14 3.08
N GLY A 27 -4.85 -14.10 3.87
CA GLY A 27 -3.96 -15.13 3.35
C GLY A 27 -2.51 -14.74 3.45
N SER A 28 -2.04 -14.44 4.65
CA SER A 28 -0.66 -14.04 4.87
C SER A 28 0.23 -15.26 5.08
N SER A 29 -0.22 -16.16 5.95
CA SER A 29 0.54 -17.37 6.25
C SER A 29 0.36 -18.41 5.14
N LEU A 30 -0.79 -18.36 4.47
CA LEU A 30 -1.08 -19.30 3.39
C LEU A 30 -0.61 -18.74 2.06
N GLY A 31 -0.55 -17.42 1.95
CA GLY A 31 -0.11 -16.79 0.72
C GLY A 31 1.40 -16.61 0.67
N ILE A 32 1.84 -15.37 0.44
CA ILE A 32 3.27 -15.08 0.36
C ILE A 32 3.66 -14.02 1.39
N PHE A 33 2.78 -13.05 1.59
CA PHE A 33 3.04 -11.98 2.55
C PHE A 33 1.72 -11.44 3.13
N LYS A 34 1.84 -10.50 4.07
CA LYS A 34 0.67 -9.91 4.70
C LYS A 34 0.21 -8.67 3.93
N CYS A 35 1.15 -7.76 3.69
CA CYS A 35 0.84 -6.53 2.97
C CYS A 35 1.89 -6.25 1.90
N SER A 36 1.45 -5.71 0.76
CA SER A 36 2.35 -5.41 -0.34
C SER A 36 1.82 -4.23 -1.16
N CYS A 37 2.66 -3.71 -2.04
CA CYS A 37 2.29 -2.58 -2.89
C CYS A 37 1.45 -3.04 -4.08
N ALA A 38 0.19 -2.63 -4.11
CA ALA A 38 -0.70 -3.00 -5.19
C ALA A 38 -1.16 -1.78 -5.98
N HIS A 39 -1.57 -1.99 -7.23
CA HIS A 39 -2.03 -0.91 -8.09
C HIS A 39 -3.39 -0.39 -7.62
N ALA A 40 -3.39 0.79 -7.00
CA ALA A 40 -4.62 1.40 -6.52
C ALA A 40 -4.52 2.93 -6.52
N ASN A 41 -4.97 3.54 -7.62
CA ASN A 41 -4.93 4.98 -7.75
C ASN A 41 -6.07 5.63 -6.98
N LYS A 42 -7.29 5.47 -7.49
CA LYS A 42 -8.47 6.03 -6.85
C LYS A 42 -8.54 5.62 -5.37
N TYR A 43 -8.07 4.41 -5.08
CA TYR A 43 -8.08 3.90 -3.72
C TYR A 43 -7.07 4.64 -2.85
N PHE A 44 -5.79 4.44 -3.12
CA PHE A 44 -4.72 5.09 -2.37
C PHE A 44 -4.97 6.60 -2.29
N CYS A 45 -5.36 7.20 -3.41
CA CYS A 45 -5.63 8.62 -3.46
C CYS A 45 -6.58 9.05 -2.34
N ASN A 46 -7.81 8.57 -2.41
CA ASN A 46 -8.82 8.90 -1.40
C ASN A 46 -8.37 8.43 -0.01
N ARG A 47 -7.58 7.36 0.01
CA ARG A 47 -7.09 6.83 1.28
C ARG A 47 -6.05 7.75 1.90
N LYS A 48 -5.36 8.51 1.05
CA LYS A 48 -4.34 9.44 1.52
C LYS A 48 -4.98 10.65 2.17
N LYS A 49 -6.00 11.20 1.53
CA LYS A 49 -6.70 12.36 2.05
C LYS A 49 -7.13 12.14 3.51
N GLU A 50 -7.35 10.89 3.87
CA GLU A 50 -7.75 10.54 5.23
C GLU A 50 -6.55 10.07 6.05
N LYS A 51 -5.69 9.27 5.42
CA LYS A 51 -4.51 8.74 6.08
C LYS A 51 -3.34 9.69 5.93
N CYS A 52 -2.72 9.68 4.75
CA CYS A 52 -1.57 10.54 4.46
C CYS A 52 -2.03 11.95 4.12
N LYS A 53 -2.77 12.58 5.04
CA LYS A 53 -3.26 13.93 4.83
C LYS A 53 -2.17 14.95 5.14
N LYS A 54 -1.34 14.65 6.13
CA LYS A 54 -0.26 15.55 6.52
C LYS A 54 0.88 15.51 5.50
N ALA A 55 1.18 14.31 5.00
CA ALA A 55 2.24 14.14 4.03
C ALA A 55 1.82 14.66 2.66
N ALA A 1 11.75 8.64 -1.83
CA ALA A 1 11.89 7.21 -1.62
C ALA A 1 10.55 6.56 -1.29
N CYS A 2 10.31 5.38 -1.85
CA CYS A 2 9.07 4.66 -1.61
C CYS A 2 9.21 3.20 -2.04
N ILE A 3 8.25 2.37 -1.61
CA ILE A 3 8.26 0.96 -1.96
C ILE A 3 7.69 0.73 -3.34
N PRO A 4 8.47 0.09 -4.22
CA PRO A 4 8.08 -0.21 -5.59
C PRO A 4 6.97 -1.27 -5.65
N ARG A 5 6.27 -1.32 -6.77
CA ARG A 5 5.18 -2.28 -6.95
C ARG A 5 5.73 -3.71 -7.00
N GLY A 6 5.25 -4.55 -6.09
CA GLY A 6 5.71 -5.93 -6.05
C GLY A 6 6.46 -6.25 -4.78
N GLU A 7 6.98 -5.22 -4.12
CA GLU A 7 7.72 -5.40 -2.88
C GLU A 7 6.79 -5.35 -1.68
N ILE A 8 7.12 -6.13 -0.66
CA ILE A 8 6.30 -6.18 0.56
C ILE A 8 6.41 -4.86 1.33
N CYS A 9 5.27 -4.35 1.78
CA CYS A 9 5.23 -3.11 2.53
C CYS A 9 4.64 -3.33 3.91
N THR A 10 5.13 -2.58 4.90
CA THR A 10 4.65 -2.70 6.27
C THR A 10 3.58 -1.65 6.56
N ASP A 11 3.84 -0.42 6.17
CA ASP A 11 2.90 0.68 6.40
C ASP A 11 2.18 1.04 5.10
N ASP A 12 1.04 1.71 5.24
CA ASP A 12 0.25 2.11 4.07
C ASP A 12 0.88 3.32 3.38
N CYS A 13 1.44 4.22 4.19
CA CYS A 13 2.08 5.42 3.65
C CYS A 13 3.48 5.11 3.15
N GLU A 14 3.95 3.89 3.43
CA GLU A 14 5.28 3.47 3.00
C GLU A 14 5.32 3.29 1.48
N CYS A 15 4.21 2.85 0.91
CA CYS A 15 4.12 2.64 -0.53
C CYS A 15 4.23 3.96 -1.29
N CYS A 16 4.53 3.87 -2.57
CA CYS A 16 4.67 5.06 -3.41
C CYS A 16 3.37 5.86 -3.43
N GLY A 17 3.31 6.87 -4.29
CA GLY A 17 2.12 7.69 -4.39
C GLY A 17 0.90 6.90 -4.79
N CYS A 18 -0.14 7.60 -5.25
CA CYS A 18 -1.37 6.95 -5.66
C CYS A 18 -1.08 5.76 -6.57
N ASP A 19 -0.01 5.85 -7.34
CA ASP A 19 0.38 4.79 -8.25
C ASP A 19 0.38 3.44 -7.54
N ASN A 20 1.17 3.33 -6.48
CA ASN A 20 1.26 2.09 -5.71
C ASN A 20 0.51 2.22 -4.39
N GLN A 21 -0.06 1.11 -3.93
CA GLN A 21 -0.81 1.10 -2.67
C GLN A 21 -0.48 -0.14 -1.86
N CYS A 22 -0.47 0.00 -0.54
CA CYS A 22 -0.17 -1.12 0.35
C CYS A 22 -1.44 -1.91 0.68
N TYR A 23 -1.64 -3.01 -0.03
CA TYR A 23 -2.82 -3.85 0.19
C TYR A 23 -2.51 -4.98 1.16
N CYS A 24 -3.37 -5.14 2.16
CA CYS A 24 -3.18 -6.19 3.16
C CYS A 24 -4.35 -7.17 3.13
N PRO A 25 -4.36 -8.05 2.12
CA PRO A 25 -5.41 -9.06 1.95
C PRO A 25 -5.34 -10.14 3.03
N PRO A 26 -6.41 -10.96 3.12
CA PRO A 26 -6.49 -12.04 4.09
C PRO A 26 -5.53 -13.18 3.78
N GLY A 27 -5.35 -14.08 4.75
CA GLY A 27 -4.45 -15.20 4.55
C GLY A 27 -3.00 -14.77 4.42
N SER A 28 -2.47 -14.17 5.48
CA SER A 28 -1.08 -13.71 5.47
C SER A 28 -0.14 -14.83 5.90
N SER A 29 -0.58 -15.63 6.86
CA SER A 29 0.23 -16.73 7.37
C SER A 29 0.03 -17.99 6.52
N LEU A 30 -1.14 -18.10 5.91
CA LEU A 30 -1.47 -19.25 5.07
C LEU A 30 -1.25 -18.92 3.59
N GLY A 31 -1.11 -17.64 3.29
CA GLY A 31 -0.89 -17.23 1.91
C GLY A 31 0.58 -17.22 1.53
N ILE A 32 1.05 -16.09 1.04
CA ILE A 32 2.45 -15.96 0.62
C ILE A 32 3.14 -14.85 1.41
N PHE A 33 2.43 -13.75 1.63
CA PHE A 33 2.98 -12.62 2.36
C PHE A 33 1.88 -11.87 3.11
N LYS A 34 2.23 -10.72 3.66
CA LYS A 34 1.27 -9.90 4.40
C LYS A 34 0.68 -8.81 3.51
N CYS A 35 1.50 -7.86 3.10
CA CYS A 35 1.06 -6.77 2.24
C CYS A 35 2.08 -6.49 1.15
N SER A 36 1.62 -5.90 0.06
CA SER A 36 2.49 -5.58 -1.07
C SER A 36 1.98 -4.36 -1.82
N CYS A 37 2.87 -3.72 -2.58
CA CYS A 37 2.51 -2.54 -3.35
C CYS A 37 1.78 -2.92 -4.64
N ALA A 38 0.53 -2.51 -4.75
CA ALA A 38 -0.27 -2.82 -5.92
C ALA A 38 -0.79 -1.54 -6.59
N HIS A 39 -1.22 -1.66 -7.83
CA HIS A 39 -1.74 -0.51 -8.58
C HIS A 39 -3.11 -0.09 -8.04
N ALA A 40 -3.14 1.01 -7.30
CA ALA A 40 -4.38 1.52 -6.73
C ALA A 40 -4.33 3.03 -6.55
N ASN A 41 -4.82 3.75 -7.55
CA ASN A 41 -4.83 5.21 -7.51
C ASN A 41 -6.06 5.73 -6.78
N LYS A 42 -7.24 5.40 -7.31
CA LYS A 42 -8.50 5.83 -6.70
C LYS A 42 -8.60 5.36 -5.26
N TYR A 43 -7.93 4.25 -4.95
CA TYR A 43 -7.93 3.69 -3.60
C TYR A 43 -6.97 4.45 -2.70
N PHE A 44 -5.69 4.36 -3.01
CA PHE A 44 -4.66 5.03 -2.22
C PHE A 44 -5.00 6.51 -2.04
N CYS A 45 -5.35 7.17 -3.14
CA CYS A 45 -5.70 8.59 -3.11
C CYS A 45 -6.70 8.87 -1.99
N ASN A 46 -7.75 8.06 -1.94
CA ASN A 46 -8.80 8.22 -0.94
C ASN A 46 -8.27 7.89 0.45
N ARG A 47 -7.32 6.95 0.51
CA ARG A 47 -6.74 6.53 1.77
C ARG A 47 -5.87 7.64 2.36
N LYS A 48 -4.85 8.04 1.63
CA LYS A 48 -3.94 9.09 2.08
C LYS A 48 -4.71 10.36 2.40
N LYS A 49 -5.68 10.70 1.55
CA LYS A 49 -6.49 11.90 1.75
C LYS A 49 -7.06 11.94 3.16
N GLU A 50 -7.29 10.76 3.74
CA GLU A 50 -7.83 10.67 5.09
C GLU A 50 -6.72 10.43 6.11
N LYS A 51 -5.73 9.65 5.71
CA LYS A 51 -4.60 9.33 6.59
C LYS A 51 -3.45 10.31 6.36
N CYS A 52 -2.67 10.08 5.31
CA CYS A 52 -1.54 10.94 4.98
C CYS A 52 -2.00 12.18 4.23
N LYS A 53 -2.86 12.98 4.87
CA LYS A 53 -3.38 14.20 4.27
C LYS A 53 -2.41 15.36 4.46
N LYS A 54 -1.72 15.36 5.61
CA LYS A 54 -0.76 16.41 5.92
C LYS A 54 0.60 16.11 5.29
N ALA A 55 0.95 14.83 5.25
CA ALA A 55 2.22 14.40 4.67
C ALA A 55 2.22 14.57 3.15
N ALA A 1 11.58 8.65 -2.71
CA ALA A 1 11.73 7.21 -2.55
C ALA A 1 10.41 6.55 -2.18
N CYS A 2 10.26 5.28 -2.54
CA CYS A 2 9.04 4.54 -2.24
C CYS A 2 9.22 3.06 -2.54
N ILE A 3 8.40 2.23 -1.90
CA ILE A 3 8.47 0.78 -2.09
C ILE A 3 7.95 0.39 -3.46
N PRO A 4 8.71 -0.48 -4.16
CA PRO A 4 8.35 -0.96 -5.49
C PRO A 4 7.15 -1.90 -5.46
N ARG A 5 6.41 -1.94 -6.58
CA ARG A 5 5.23 -2.79 -6.67
C ARG A 5 5.61 -4.27 -6.54
N GLY A 6 4.85 -4.99 -5.73
CA GLY A 6 5.12 -6.41 -5.52
C GLY A 6 5.95 -6.65 -4.27
N GLU A 7 6.59 -5.61 -3.77
CA GLU A 7 7.42 -5.73 -2.57
C GLU A 7 6.59 -5.49 -1.31
N ILE A 8 7.02 -6.09 -0.20
CA ILE A 8 6.31 -5.94 1.06
C ILE A 8 6.49 -4.53 1.62
N CYS A 9 5.45 -4.02 2.27
CA CYS A 9 5.49 -2.70 2.86
C CYS A 9 5.03 -2.73 4.32
N THR A 10 5.61 -1.84 5.13
CA THR A 10 5.26 -1.78 6.54
C THR A 10 4.10 -0.82 6.78
N ASP A 11 4.24 0.42 6.31
CA ASP A 11 3.19 1.42 6.47
C ASP A 11 2.48 1.67 5.14
N ASP A 12 1.41 2.46 5.19
CA ASP A 12 0.64 2.79 4.00
C ASP A 12 1.33 3.88 3.19
N CYS A 13 1.80 4.92 3.88
CA CYS A 13 2.48 6.04 3.23
C CYS A 13 3.84 5.60 2.69
N GLU A 14 4.27 4.42 3.08
CA GLU A 14 5.56 3.88 2.64
C GLU A 14 5.52 3.55 1.14
N CYS A 15 4.34 3.16 0.66
CA CYS A 15 4.18 2.81 -0.75
C CYS A 15 4.27 4.06 -1.62
N CYS A 16 4.48 3.84 -2.92
CA CYS A 16 4.58 4.94 -3.87
C CYS A 16 3.30 5.76 -3.88
N GLY A 17 3.19 6.67 -4.85
CA GLY A 17 2.02 7.51 -4.97
C GLY A 17 0.74 6.70 -5.16
N CYS A 18 -0.32 7.37 -5.60
CA CYS A 18 -1.60 6.71 -5.81
C CYS A 18 -1.43 5.44 -6.64
N ASP A 19 -0.42 5.45 -7.52
CA ASP A 19 -0.15 4.29 -8.37
C ASP A 19 -0.08 3.01 -7.54
N ASN A 20 0.79 3.00 -6.54
CA ASN A 20 0.96 1.84 -5.67
C ASN A 20 0.31 2.09 -4.30
N GLN A 21 -0.27 1.04 -3.73
CA GLN A 21 -0.91 1.13 -2.44
C GLN A 21 -0.54 -0.05 -1.55
N CYS A 22 -0.43 0.20 -0.25
CA CYS A 22 -0.08 -0.84 0.70
C CYS A 22 -1.33 -1.58 1.18
N TYR A 23 -1.73 -2.59 0.42
CA TYR A 23 -2.91 -3.38 0.77
C TYR A 23 -2.52 -4.72 1.39
N CYS A 24 -3.41 -5.27 2.22
CA CYS A 24 -3.15 -6.53 2.88
C CYS A 24 -4.13 -7.61 2.40
N PRO A 25 -3.85 -8.18 1.22
CA PRO A 25 -4.69 -9.23 0.62
C PRO A 25 -4.62 -10.54 1.39
N PRO A 26 -5.52 -11.46 1.06
CA PRO A 26 -5.57 -12.78 1.71
C PRO A 26 -4.39 -13.67 1.34
N GLY A 27 -3.41 -13.74 2.23
CA GLY A 27 -2.23 -14.57 1.98
C GLY A 27 -2.16 -15.77 2.89
N SER A 28 -3.03 -16.74 2.66
CA SER A 28 -3.07 -17.96 3.46
C SER A 28 -2.12 -19.01 2.89
N SER A 29 -1.94 -18.99 1.57
CA SER A 29 -1.07 -19.94 0.91
C SER A 29 0.39 -19.69 1.26
N LEU A 30 0.73 -18.42 1.45
CA LEU A 30 2.10 -18.04 1.79
C LEU A 30 2.27 -17.94 3.30
N GLY A 31 1.48 -17.06 3.93
CA GLY A 31 1.57 -16.88 5.37
C GLY A 31 0.21 -16.58 5.99
N ILE A 32 0.14 -15.49 6.73
CA ILE A 32 -1.10 -15.10 7.38
C ILE A 32 -1.45 -13.64 7.08
N PHE A 33 -0.42 -12.79 7.05
CA PHE A 33 -0.62 -11.36 6.76
C PHE A 33 0.62 -10.78 6.10
N LYS A 34 0.47 -10.37 4.84
CA LYS A 34 1.58 -9.79 4.09
C LYS A 34 1.10 -8.60 3.25
N CYS A 35 1.51 -7.41 3.64
CA CYS A 35 1.13 -6.19 2.92
C CYS A 35 2.16 -5.84 1.87
N SER A 36 1.69 -5.57 0.66
CA SER A 36 2.57 -5.22 -0.45
C SER A 36 1.97 -4.10 -1.29
N CYS A 37 2.77 -3.57 -2.22
CA CYS A 37 2.32 -2.49 -3.08
C CYS A 37 1.47 -3.03 -4.23
N ALA A 38 0.24 -2.53 -4.34
CA ALA A 38 -0.68 -2.96 -5.38
C ALA A 38 -1.22 -1.76 -6.16
N HIS A 39 -1.80 -2.02 -7.33
CA HIS A 39 -2.37 -0.97 -8.16
C HIS A 39 -3.68 -0.47 -7.59
N ALA A 40 -3.63 0.68 -6.92
CA ALA A 40 -4.82 1.28 -6.32
C ALA A 40 -4.72 2.79 -6.27
N ASN A 41 -5.21 3.45 -7.31
CA ASN A 41 -5.18 4.91 -7.39
C ASN A 41 -6.41 5.52 -6.74
N LYS A 42 -7.58 4.95 -7.03
CA LYS A 42 -8.83 5.43 -6.47
C LYS A 42 -8.93 5.10 -4.98
N TYR A 43 -8.08 4.19 -4.52
CA TYR A 43 -8.07 3.78 -3.13
C TYR A 43 -7.02 4.56 -2.34
N PHE A 44 -5.76 4.42 -2.73
CA PHE A 44 -4.67 5.10 -2.07
C PHE A 44 -4.96 6.59 -1.94
N CYS A 45 -5.37 7.21 -3.04
CA CYS A 45 -5.68 8.63 -3.05
C CYS A 45 -6.62 9.00 -1.89
N ASN A 46 -7.66 8.19 -1.70
CA ASN A 46 -8.62 8.41 -0.64
C ASN A 46 -8.00 8.12 0.73
N ARG A 47 -7.07 7.18 0.76
CA ARG A 47 -6.39 6.81 2.00
C ARG A 47 -5.48 7.94 2.49
N LYS A 48 -4.66 8.45 1.59
CA LYS A 48 -3.75 9.54 1.93
C LYS A 48 -4.51 10.75 2.46
N LYS A 49 -5.47 11.23 1.67
CA LYS A 49 -6.27 12.38 2.06
C LYS A 49 -6.86 12.19 3.46
N GLU A 50 -7.03 10.93 3.85
CA GLU A 50 -7.58 10.62 5.17
C GLU A 50 -6.48 10.58 6.23
N LYS A 51 -5.37 9.91 5.89
CA LYS A 51 -4.25 9.79 6.81
C LYS A 51 -3.16 10.79 6.45
N CYS A 52 -2.39 10.47 5.41
CA CYS A 52 -1.30 11.34 4.97
C CYS A 52 -1.84 12.51 4.17
N LYS A 53 -2.68 13.32 4.80
CA LYS A 53 -3.28 14.48 4.15
C LYS A 53 -2.33 15.68 4.23
N LYS A 54 -1.59 15.78 5.32
CA LYS A 54 -0.65 16.87 5.52
C LYS A 54 0.66 16.61 4.77
N ALA A 55 1.29 15.49 5.08
CA ALA A 55 2.54 15.11 4.43
C ALA A 55 2.30 14.22 3.22
N ALA A 1 11.95 8.45 -1.55
CA ALA A 1 11.87 7.07 -2.00
C ALA A 1 10.53 6.45 -1.64
N CYS A 2 10.29 5.24 -2.15
CA CYS A 2 9.03 4.54 -1.89
C CYS A 2 9.17 3.05 -2.21
N ILE A 3 8.14 2.28 -1.87
CA ILE A 3 8.14 0.85 -2.13
C ILE A 3 7.52 0.54 -3.48
N PRO A 4 8.28 -0.18 -4.32
CA PRO A 4 7.82 -0.57 -5.66
C PRO A 4 6.71 -1.62 -5.61
N ARG A 5 5.99 -1.76 -6.72
CA ARG A 5 4.90 -2.73 -6.80
C ARG A 5 5.43 -4.15 -6.74
N GLY A 6 4.95 -4.92 -5.77
CA GLY A 6 5.39 -6.30 -5.62
C GLY A 6 6.20 -6.51 -4.35
N GLU A 7 6.75 -5.44 -3.81
CA GLU A 7 7.55 -5.51 -2.60
C GLU A 7 6.68 -5.35 -1.36
N ILE A 8 7.04 -6.04 -0.29
CA ILE A 8 6.29 -5.97 0.96
C ILE A 8 6.28 -4.55 1.52
N CYS A 9 5.16 -4.18 2.13
CA CYS A 9 5.01 -2.84 2.71
C CYS A 9 4.62 -2.93 4.18
N THR A 10 5.23 -2.07 5.00
CA THR A 10 4.96 -2.05 6.43
C THR A 10 3.83 -1.08 6.75
N ASP A 11 3.82 0.07 6.07
CA ASP A 11 2.79 1.08 6.29
C ASP A 11 2.23 1.56 4.96
N ASP A 12 1.21 2.41 5.03
CA ASP A 12 0.58 2.95 3.84
C ASP A 12 1.44 4.03 3.20
N CYS A 13 1.94 4.95 4.04
CA CYS A 13 2.79 6.03 3.55
C CYS A 13 4.09 5.48 2.97
N GLU A 14 4.39 4.23 3.26
CA GLU A 14 5.60 3.59 2.76
C GLU A 14 5.52 3.39 1.25
N CYS A 15 4.37 2.93 0.77
CA CYS A 15 4.17 2.69 -0.64
C CYS A 15 4.25 3.99 -1.43
N CYS A 16 4.53 3.88 -2.73
CA CYS A 16 4.64 5.04 -3.59
C CYS A 16 3.34 5.83 -3.61
N GLY A 17 3.24 6.80 -4.52
CA GLY A 17 2.05 7.62 -4.63
C GLY A 17 0.82 6.79 -4.98
N CYS A 18 -0.21 7.47 -5.48
CA CYS A 18 -1.45 6.78 -5.85
C CYS A 18 -1.16 5.53 -6.67
N ASP A 19 -0.12 5.60 -7.50
CA ASP A 19 0.27 4.47 -8.33
C ASP A 19 0.28 3.17 -7.51
N ASN A 20 1.06 3.16 -6.45
CA ASN A 20 1.17 1.98 -5.59
C ASN A 20 0.35 2.16 -4.31
N GLN A 21 -0.14 1.07 -3.77
CA GLN A 21 -0.93 1.09 -2.55
C GLN A 21 -0.58 -0.07 -1.63
N CYS A 22 -0.56 0.20 -0.33
CA CYS A 22 -0.23 -0.81 0.66
C CYS A 22 -1.48 -1.57 1.10
N TYR A 23 -1.70 -2.73 0.51
CA TYR A 23 -2.86 -3.55 0.84
C TYR A 23 -2.47 -4.73 1.73
N CYS A 24 -3.21 -4.90 2.82
CA CYS A 24 -2.93 -5.99 3.75
C CYS A 24 -4.08 -7.00 3.76
N PRO A 25 -4.18 -7.78 2.68
CA PRO A 25 -5.22 -8.80 2.55
C PRO A 25 -5.02 -9.97 3.51
N PRO A 26 -6.08 -10.76 3.70
CA PRO A 26 -6.05 -11.93 4.60
C PRO A 26 -5.19 -13.06 4.04
N GLY A 27 -5.04 -14.12 4.83
CA GLY A 27 -4.24 -15.25 4.41
C GLY A 27 -2.78 -14.90 4.21
N SER A 28 -2.13 -14.47 5.28
CA SER A 28 -0.73 -14.09 5.22
C SER A 28 0.18 -15.31 5.41
N SER A 29 -0.10 -16.09 6.46
CA SER A 29 0.69 -17.27 6.76
C SER A 29 0.30 -18.43 5.84
N LEU A 30 -0.95 -18.42 5.38
CA LEU A 30 -1.45 -19.47 4.50
C LEU A 30 -1.24 -19.08 3.03
N GLY A 31 -1.17 -17.79 2.77
CA GLY A 31 -0.97 -17.31 1.42
C GLY A 31 0.49 -17.22 1.04
N ILE A 32 0.92 -16.04 0.59
CA ILE A 32 2.31 -15.83 0.20
C ILE A 32 2.95 -14.73 1.03
N PHE A 33 2.20 -13.67 1.29
CA PHE A 33 2.70 -12.55 2.07
C PHE A 33 1.56 -11.87 2.83
N LYS A 34 1.91 -10.85 3.60
CA LYS A 34 0.93 -10.11 4.39
C LYS A 34 0.46 -8.86 3.65
N CYS A 35 1.39 -7.92 3.44
CA CYS A 35 1.07 -6.69 2.73
C CYS A 35 2.07 -6.44 1.60
N SER A 36 1.57 -5.89 0.49
CA SER A 36 2.41 -5.60 -0.66
C SER A 36 1.87 -4.40 -1.44
N CYS A 37 2.73 -3.82 -2.27
CA CYS A 37 2.34 -2.67 -3.07
C CYS A 37 1.56 -3.10 -4.31
N ALA A 38 0.33 -2.59 -4.44
CA ALA A 38 -0.52 -2.92 -5.58
C ALA A 38 -0.89 -1.67 -6.36
N HIS A 39 -1.34 -1.88 -7.60
CA HIS A 39 -1.73 -0.76 -8.46
C HIS A 39 -3.14 -0.27 -8.12
N ALA A 40 -3.22 0.81 -7.36
CA ALA A 40 -4.50 1.37 -6.97
C ALA A 40 -4.39 2.87 -6.74
N ASN A 41 -4.76 3.65 -7.77
CA ASN A 41 -4.70 5.10 -7.69
C ASN A 41 -6.03 5.67 -7.21
N LYS A 42 -7.12 5.19 -7.80
CA LYS A 42 -8.45 5.65 -7.43
C LYS A 42 -8.78 5.28 -6.00
N TYR A 43 -8.00 4.36 -5.43
CA TYR A 43 -8.20 3.92 -4.06
C TYR A 43 -7.22 4.61 -3.11
N PHE A 44 -5.94 4.39 -3.36
CA PHE A 44 -4.89 5.00 -2.53
C PHE A 44 -5.12 6.50 -2.36
N CYS A 45 -5.42 7.17 -3.47
CA CYS A 45 -5.66 8.60 -3.44
C CYS A 45 -6.61 8.98 -2.31
N ASN A 46 -7.78 8.36 -2.29
CA ASN A 46 -8.78 8.64 -1.25
C ASN A 46 -8.20 8.36 0.13
N ARG A 47 -7.33 7.36 0.22
CA ARG A 47 -6.71 7.00 1.48
C ARG A 47 -5.67 8.03 1.90
N LYS A 48 -4.97 8.59 0.92
CA LYS A 48 -3.95 9.59 1.18
C LYS A 48 -4.54 10.79 1.92
N LYS A 49 -5.66 11.30 1.42
CA LYS A 49 -6.32 12.44 2.03
C LYS A 49 -7.10 12.01 3.28
N GLU A 50 -7.08 10.71 3.57
CA GLU A 50 -7.78 10.18 4.72
C GLU A 50 -6.83 9.99 5.90
N LYS A 51 -5.72 9.30 5.66
CA LYS A 51 -4.73 9.04 6.69
C LYS A 51 -3.55 10.00 6.56
N CYS A 52 -2.71 9.77 5.55
CA CYS A 52 -1.55 10.62 5.30
C CYS A 52 -1.96 11.93 4.65
N LYS A 53 -2.83 12.68 5.32
CA LYS A 53 -3.30 13.96 4.80
C LYS A 53 -2.35 15.09 5.21
N LYS A 54 -1.76 14.96 6.38
CA LYS A 54 -0.82 15.96 6.88
C LYS A 54 0.56 15.79 6.25
N ALA A 55 0.94 14.55 6.02
CA ALA A 55 2.23 14.25 5.41
C ALA A 55 2.21 14.47 3.91
N ALA A 1 12.44 8.12 -3.15
CA ALA A 1 12.56 6.82 -2.50
C ALA A 1 11.20 6.30 -2.06
N CYS A 2 10.81 5.13 -2.55
CA CYS A 2 9.54 4.53 -2.20
C CYS A 2 9.56 3.03 -2.46
N ILE A 3 8.52 2.34 -1.99
CA ILE A 3 8.43 0.90 -2.17
C ILE A 3 7.95 0.55 -3.58
N PRO A 4 8.66 -0.38 -4.23
CA PRO A 4 8.33 -0.82 -5.58
C PRO A 4 7.04 -1.63 -5.64
N ARG A 5 6.29 -1.48 -6.73
CA ARG A 5 5.04 -2.20 -6.90
C ARG A 5 5.25 -3.71 -6.83
N GLY A 6 4.76 -4.32 -5.75
CA GLY A 6 4.92 -5.75 -5.59
C GLY A 6 5.90 -6.10 -4.48
N GLU A 7 6.15 -5.15 -3.59
CA GLU A 7 7.07 -5.37 -2.48
C GLU A 7 6.37 -5.23 -1.14
N ILE A 8 6.80 -6.01 -0.16
CA ILE A 8 6.20 -5.98 1.16
C ILE A 8 6.35 -4.59 1.80
N CYS A 9 5.24 -4.04 2.26
CA CYS A 9 5.25 -2.72 2.88
C CYS A 9 4.74 -2.80 4.31
N THR A 10 5.41 -2.09 5.22
CA THR A 10 5.03 -2.07 6.63
C THR A 10 4.03 -0.96 6.91
N ASP A 11 4.18 0.16 6.22
CA ASP A 11 3.28 1.30 6.41
C ASP A 11 2.49 1.57 5.14
N ASP A 12 1.45 2.38 5.26
CA ASP A 12 0.60 2.73 4.12
C ASP A 12 1.26 3.80 3.26
N CYS A 13 1.87 4.80 3.92
CA CYS A 13 2.53 5.89 3.22
C CYS A 13 3.92 5.46 2.76
N GLU A 14 4.28 4.21 3.04
CA GLU A 14 5.59 3.69 2.65
C GLU A 14 5.68 3.52 1.14
N CYS A 15 4.55 3.25 0.50
CA CYS A 15 4.51 3.08 -0.94
C CYS A 15 4.83 4.38 -1.66
N CYS A 16 4.84 4.33 -2.99
CA CYS A 16 5.13 5.50 -3.80
C CYS A 16 4.00 6.53 -3.69
N GLY A 17 2.94 6.30 -4.46
CA GLY A 17 1.81 7.21 -4.44
C GLY A 17 0.50 6.51 -4.78
N CYS A 18 -0.44 7.27 -5.32
CA CYS A 18 -1.75 6.73 -5.68
C CYS A 18 -1.59 5.42 -6.46
N ASP A 19 -0.51 5.31 -7.23
CA ASP A 19 -0.24 4.11 -8.01
C ASP A 19 0.05 2.93 -7.11
N ASN A 20 1.01 3.10 -6.20
CA ASN A 20 1.39 2.04 -5.27
C ASN A 20 0.64 2.19 -3.95
N GLN A 21 -0.16 1.18 -3.61
CA GLN A 21 -0.93 1.20 -2.38
C GLN A 21 -0.57 0.00 -1.50
N CYS A 22 -0.52 0.22 -0.19
CA CYS A 22 -0.19 -0.84 0.76
C CYS A 22 -1.45 -1.59 1.17
N TYR A 23 -1.78 -2.63 0.42
CA TYR A 23 -2.95 -3.45 0.72
C TYR A 23 -2.56 -4.75 1.40
N CYS A 24 -3.48 -5.27 2.22
CA CYS A 24 -3.22 -6.51 2.94
C CYS A 24 -4.14 -7.62 2.44
N PRO A 25 -3.79 -8.21 1.29
CA PRO A 25 -4.57 -9.29 0.68
C PRO A 25 -4.48 -10.59 1.49
N PRO A 26 -5.33 -11.56 1.14
CA PRO A 26 -5.37 -12.85 1.81
C PRO A 26 -4.14 -13.70 1.49
N GLY A 27 -3.25 -13.82 2.47
CA GLY A 27 -2.03 -14.60 2.28
C GLY A 27 -2.05 -15.89 3.07
N SER A 28 -2.91 -16.82 2.66
CA SER A 28 -3.02 -18.11 3.35
C SER A 28 -2.04 -19.12 2.77
N SER A 29 -1.77 -19.00 1.47
CA SER A 29 -0.85 -19.91 0.80
C SER A 29 0.59 -19.67 1.26
N LEU A 30 0.91 -18.42 1.55
CA LEU A 30 2.24 -18.05 2.00
C LEU A 30 2.34 -18.11 3.52
N GLY A 31 1.52 -17.32 4.19
CA GLY A 31 1.52 -17.30 5.64
C GLY A 31 0.16 -16.96 6.23
N ILE A 32 0.08 -15.86 6.97
CA ILE A 32 -1.17 -15.44 7.59
C ILE A 32 -1.56 -14.05 7.11
N PHE A 33 -0.58 -13.17 6.97
CA PHE A 33 -0.83 -11.80 6.51
C PHE A 33 0.38 -11.25 5.77
N LYS A 34 0.16 -10.81 4.53
CA LYS A 34 1.22 -10.26 3.72
C LYS A 34 0.75 -9.02 2.96
N CYS A 35 1.25 -7.86 3.35
CA CYS A 35 0.88 -6.60 2.72
C CYS A 35 2.01 -6.09 1.83
N SER A 36 1.65 -5.62 0.63
CA SER A 36 2.63 -5.10 -0.31
C SER A 36 2.03 -3.98 -1.16
N CYS A 37 2.83 -3.46 -2.07
CA CYS A 37 2.38 -2.38 -2.95
C CYS A 37 1.55 -2.94 -4.11
N ALA A 38 0.37 -2.36 -4.31
CA ALA A 38 -0.52 -2.79 -5.37
C ALA A 38 -1.10 -1.60 -6.13
N HIS A 39 -1.68 -1.87 -7.30
CA HIS A 39 -2.26 -0.82 -8.12
C HIS A 39 -3.63 -0.40 -7.56
N ALA A 40 -3.66 0.74 -6.88
CA ALA A 40 -4.89 1.25 -6.30
C ALA A 40 -4.87 2.77 -6.21
N ASN A 41 -5.41 3.43 -7.22
CA ASN A 41 -5.45 4.89 -7.26
C ASN A 41 -6.64 5.42 -6.48
N LYS A 42 -7.85 5.12 -6.98
CA LYS A 42 -9.07 5.57 -6.32
C LYS A 42 -9.04 5.24 -4.83
N TYR A 43 -8.37 4.14 -4.49
CA TYR A 43 -8.27 3.71 -3.09
C TYR A 43 -7.23 4.53 -2.35
N PHE A 44 -5.96 4.33 -2.70
CA PHE A 44 -4.87 5.04 -2.06
C PHE A 44 -5.16 6.54 -1.99
N CYS A 45 -5.56 7.11 -3.12
CA CYS A 45 -5.88 8.53 -3.20
C CYS A 45 -6.79 8.94 -2.05
N ASN A 46 -7.83 8.15 -1.81
CA ASN A 46 -8.78 8.44 -0.75
C ASN A 46 -8.16 8.19 0.62
N ARG A 47 -7.24 7.24 0.68
CA ARG A 47 -6.56 6.90 1.92
C ARG A 47 -5.63 8.03 2.35
N LYS A 48 -4.71 8.39 1.48
CA LYS A 48 -3.74 9.46 1.77
C LYS A 48 -4.46 10.72 2.25
N LYS A 49 -5.48 11.15 1.49
CA LYS A 49 -6.24 12.33 1.85
C LYS A 49 -6.82 12.21 3.25
N GLU A 50 -6.98 10.98 3.71
CA GLU A 50 -7.53 10.73 5.04
C GLU A 50 -6.41 10.67 6.08
N LYS A 51 -5.32 10.01 5.74
CA LYS A 51 -4.18 9.88 6.64
C LYS A 51 -3.08 10.88 6.28
N CYS A 52 -2.31 10.56 5.24
CA CYS A 52 -1.24 11.43 4.79
C CYS A 52 -1.77 12.60 3.99
N LYS A 53 -2.62 13.41 4.63
CA LYS A 53 -3.20 14.57 3.97
C LYS A 53 -2.27 15.78 4.06
N LYS A 54 -1.55 15.88 5.16
CA LYS A 54 -0.61 16.98 5.37
C LYS A 54 0.64 16.80 4.52
N ALA A 55 1.34 15.69 4.73
CA ALA A 55 2.55 15.40 3.97
C ALA A 55 2.23 14.69 2.66
N ALA A 1 13.10 6.74 -1.78
CA ALA A 1 12.71 5.50 -2.43
C ALA A 1 11.41 4.96 -1.83
N CYS A 2 10.40 4.79 -2.68
CA CYS A 2 9.11 4.28 -2.25
C CYS A 2 9.01 2.78 -2.51
N ILE A 3 7.89 2.19 -2.09
CA ILE A 3 7.65 0.76 -2.28
C ILE A 3 6.73 0.50 -3.45
N PRO A 4 7.32 0.13 -4.60
CA PRO A 4 6.56 -0.16 -5.82
C PRO A 4 5.75 -1.44 -5.72
N ARG A 5 4.76 -1.59 -6.59
CA ARG A 5 3.90 -2.77 -6.59
C ARG A 5 4.74 -4.04 -6.63
N GLY A 6 4.30 -5.06 -5.90
CA GLY A 6 5.01 -6.32 -5.87
C GLY A 6 5.89 -6.47 -4.64
N GLU A 7 6.37 -5.34 -4.13
CA GLU A 7 7.22 -5.35 -2.94
C GLU A 7 6.38 -5.24 -1.67
N ILE A 8 6.91 -5.78 -0.58
CA ILE A 8 6.21 -5.75 0.70
C ILE A 8 6.29 -4.36 1.34
N CYS A 9 5.17 -3.91 1.89
CA CYS A 9 5.11 -2.60 2.53
C CYS A 9 4.57 -2.71 3.96
N THR A 10 5.14 -1.94 4.86
CA THR A 10 4.71 -1.94 6.26
C THR A 10 3.60 -0.92 6.50
N ASP A 11 3.80 0.28 5.99
CA ASP A 11 2.82 1.36 6.15
C ASP A 11 2.21 1.74 4.82
N ASP A 12 1.16 2.54 4.86
CA ASP A 12 0.48 2.99 3.65
C ASP A 12 1.29 4.07 2.94
N CYS A 13 1.71 5.08 3.70
CA CYS A 13 2.50 6.18 3.13
C CYS A 13 3.84 5.67 2.62
N GLU A 14 4.21 4.46 3.02
CA GLU A 14 5.47 3.86 2.59
C GLU A 14 5.45 3.55 1.10
N CYS A 15 4.29 3.13 0.61
CA CYS A 15 4.14 2.79 -0.80
C CYS A 15 4.29 4.03 -1.67
N CYS A 16 4.53 3.81 -2.96
CA CYS A 16 4.69 4.91 -3.91
C CYS A 16 3.45 5.80 -3.94
N GLY A 17 3.45 6.77 -4.84
CA GLY A 17 2.31 7.67 -4.96
C GLY A 17 1.02 6.95 -5.31
N CYS A 18 0.04 7.69 -5.78
CA CYS A 18 -1.24 7.12 -6.16
C CYS A 18 -1.06 5.89 -7.05
N ASP A 19 0.02 5.90 -7.82
CA ASP A 19 0.32 4.79 -8.72
C ASP A 19 0.19 3.45 -8.00
N ASN A 20 0.91 3.31 -6.89
CA ASN A 20 0.89 2.09 -6.10
C ASN A 20 0.26 2.35 -4.73
N GLN A 21 -0.38 1.32 -4.18
CA GLN A 21 -1.01 1.43 -2.86
C GLN A 21 -0.64 0.24 -1.98
N CYS A 22 -0.59 0.47 -0.67
CA CYS A 22 -0.25 -0.58 0.28
C CYS A 22 -1.49 -1.35 0.71
N TYR A 23 -1.60 -2.59 0.25
CA TYR A 23 -2.74 -3.43 0.59
C TYR A 23 -2.30 -4.65 1.38
N CYS A 24 -3.14 -5.08 2.32
CA CYS A 24 -2.83 -6.24 3.15
C CYS A 24 -3.80 -7.38 2.86
N PRO A 25 -3.59 -8.06 1.72
CA PRO A 25 -4.43 -9.18 1.30
C PRO A 25 -4.25 -10.41 2.18
N PRO A 26 -5.14 -11.40 2.03
CA PRO A 26 -5.09 -12.63 2.81
C PRO A 26 -3.92 -13.52 2.41
N GLY A 27 -2.98 -13.70 3.34
CA GLY A 27 -1.82 -14.52 3.06
C GLY A 27 -1.75 -15.76 3.94
N SER A 28 -2.77 -16.61 3.83
CA SER A 28 -2.84 -17.83 4.62
C SER A 28 -2.15 -18.99 3.90
N SER A 29 -2.29 -19.01 2.57
CA SER A 29 -1.68 -20.06 1.76
C SER A 29 -0.17 -19.93 1.75
N LEU A 30 0.32 -18.70 1.76
CA LEU A 30 1.75 -18.42 1.74
C LEU A 30 2.32 -18.42 3.16
N GLY A 31 1.73 -17.60 4.02
CA GLY A 31 2.19 -17.51 5.39
C GLY A 31 1.07 -17.17 6.36
N ILE A 32 1.26 -16.12 7.14
CA ILE A 32 0.26 -15.68 8.11
C ILE A 32 -0.17 -14.25 7.85
N PHE A 33 0.79 -13.38 7.59
CA PHE A 33 0.52 -11.97 7.32
C PHE A 33 1.56 -11.37 6.41
N LYS A 34 1.13 -10.94 5.22
CA LYS A 34 2.03 -10.35 4.25
C LYS A 34 1.30 -9.32 3.39
N CYS A 35 1.72 -8.07 3.48
CA CYS A 35 1.10 -6.99 2.72
C CYS A 35 1.97 -6.61 1.52
N SER A 36 1.34 -6.51 0.35
CA SER A 36 2.06 -6.16 -0.87
C SER A 36 1.44 -4.92 -1.53
N CYS A 37 2.27 -4.17 -2.25
CA CYS A 37 1.81 -2.97 -2.93
C CYS A 37 1.10 -3.32 -4.24
N ALA A 38 -0.05 -2.71 -4.47
CA ALA A 38 -0.82 -2.95 -5.68
C ALA A 38 -1.24 -1.64 -6.34
N HIS A 39 -1.27 -1.63 -7.67
CA HIS A 39 -1.66 -0.45 -8.43
C HIS A 39 -3.06 0.01 -8.04
N ALA A 40 -3.14 1.16 -7.37
CA ALA A 40 -4.42 1.70 -6.95
C ALA A 40 -4.36 3.23 -6.86
N ASN A 41 -4.89 3.90 -7.88
CA ASN A 41 -4.90 5.35 -7.92
C ASN A 41 -6.05 5.92 -7.09
N LYS A 42 -7.26 5.79 -7.61
CA LYS A 42 -8.45 6.28 -6.91
C LYS A 42 -8.46 5.81 -5.47
N TYR A 43 -7.91 4.63 -5.23
CA TYR A 43 -7.87 4.06 -3.88
C TYR A 43 -6.86 4.82 -3.02
N PHE A 44 -5.58 4.68 -3.35
CA PHE A 44 -4.52 5.34 -2.60
C PHE A 44 -4.83 6.83 -2.43
N CYS A 45 -5.17 7.49 -3.53
CA CYS A 45 -5.49 8.91 -3.51
C CYS A 45 -6.45 9.24 -2.37
N ASN A 46 -7.57 8.53 -2.32
CA ASN A 46 -8.57 8.75 -1.28
C ASN A 46 -7.97 8.51 0.10
N ARG A 47 -7.03 7.56 0.19
CA ARG A 47 -6.38 7.23 1.45
C ARG A 47 -5.44 8.35 1.87
N LYS A 48 -4.70 8.90 0.92
CA LYS A 48 -3.77 9.98 1.21
C LYS A 48 -4.46 11.14 1.91
N LYS A 49 -5.62 11.52 1.40
CA LYS A 49 -6.40 12.62 1.98
C LYS A 49 -7.16 12.14 3.21
N GLU A 50 -7.02 10.86 3.53
CA GLU A 50 -7.71 10.28 4.68
C GLU A 50 -6.77 10.18 5.88
N LYS A 51 -5.61 9.57 5.66
CA LYS A 51 -4.62 9.40 6.72
C LYS A 51 -3.50 10.43 6.58
N CYS A 52 -2.71 10.29 5.53
CA CYS A 52 -1.60 11.21 5.28
C CYS A 52 -2.11 12.54 4.73
N LYS A 53 -2.98 13.20 5.50
CA LYS A 53 -3.54 14.48 5.09
C LYS A 53 -2.69 15.63 5.61
N LYS A 54 -2.08 15.44 6.76
CA LYS A 54 -1.24 16.46 7.37
C LYS A 54 0.15 16.50 6.71
N ALA A 55 0.82 15.35 6.73
CA ALA A 55 2.15 15.23 6.13
C ALA A 55 2.58 13.78 6.03
N ALA A 1 12.80 6.17 -3.39
CA ALA A 1 12.44 6.50 -2.02
C ALA A 1 11.22 5.71 -1.56
N CYS A 2 10.28 5.53 -2.47
CA CYS A 2 9.05 4.80 -2.16
C CYS A 2 9.22 3.30 -2.46
N ILE A 3 8.37 2.49 -1.85
CA ILE A 3 8.43 1.05 -2.04
C ILE A 3 7.96 0.66 -3.45
N PRO A 4 8.73 -0.19 -4.12
CA PRO A 4 8.42 -0.66 -5.47
C PRO A 4 7.21 -1.59 -5.49
N ARG A 5 6.52 -1.63 -6.63
CA ARG A 5 5.35 -2.47 -6.79
C ARG A 5 5.72 -3.95 -6.69
N GLY A 6 4.91 -4.72 -5.97
CA GLY A 6 5.17 -6.14 -5.82
C GLY A 6 6.01 -6.45 -4.59
N GLU A 7 6.66 -5.42 -4.05
CA GLU A 7 7.49 -5.58 -2.86
C GLU A 7 6.67 -5.42 -1.59
N ILE A 8 7.01 -6.20 -0.57
CA ILE A 8 6.30 -6.14 0.70
C ILE A 8 6.51 -4.80 1.38
N CYS A 9 5.42 -4.18 1.82
CA CYS A 9 5.47 -2.88 2.49
C CYS A 9 5.04 -3.01 3.94
N THR A 10 5.51 -2.08 4.78
CA THR A 10 5.18 -2.09 6.19
C THR A 10 4.07 -1.10 6.50
N ASP A 11 4.30 0.17 6.15
CA ASP A 11 3.32 1.22 6.38
C ASP A 11 2.51 1.51 5.11
N ASP A 12 1.42 2.24 5.26
CA ASP A 12 0.58 2.59 4.13
C ASP A 12 1.16 3.76 3.35
N CYS A 13 1.71 4.73 4.07
CA CYS A 13 2.30 5.91 3.45
C CYS A 13 3.71 5.60 2.94
N GLU A 14 4.13 4.35 3.11
CA GLU A 14 5.46 3.93 2.66
C GLU A 14 5.47 3.68 1.16
N CYS A 15 4.35 3.20 0.63
CA CYS A 15 4.23 2.91 -0.78
C CYS A 15 4.31 4.19 -1.60
N CYS A 16 4.50 4.04 -2.92
CA CYS A 16 4.60 5.18 -3.81
C CYS A 16 3.31 5.99 -3.81
N GLY A 17 3.19 6.92 -4.75
CA GLY A 17 2.00 7.75 -4.84
C GLY A 17 0.75 6.94 -5.05
N CYS A 18 -0.33 7.61 -5.46
CA CYS A 18 -1.60 6.94 -5.70
C CYS A 18 -1.40 5.70 -6.58
N ASP A 19 -0.41 5.75 -7.45
CA ASP A 19 -0.11 4.64 -8.35
C ASP A 19 -0.11 3.31 -7.58
N ASN A 20 0.72 3.24 -6.54
CA ASN A 20 0.83 2.03 -5.74
C ASN A 20 0.20 2.25 -4.37
N GLN A 21 -0.30 1.16 -3.78
CA GLN A 21 -0.93 1.23 -2.47
C GLN A 21 -0.54 0.02 -1.61
N CYS A 22 -0.44 0.22 -0.31
CA CYS A 22 -0.08 -0.84 0.61
C CYS A 22 -1.31 -1.62 1.06
N TYR A 23 -1.68 -2.64 0.30
CA TYR A 23 -2.84 -3.46 0.61
C TYR A 23 -2.43 -4.73 1.34
N CYS A 24 -3.30 -5.22 2.22
CA CYS A 24 -3.04 -6.43 2.98
C CYS A 24 -4.03 -7.53 2.61
N PRO A 25 -3.78 -8.17 1.46
CA PRO A 25 -4.63 -9.26 0.97
C PRO A 25 -4.51 -10.52 1.81
N PRO A 26 -5.41 -11.48 1.58
CA PRO A 26 -5.43 -12.75 2.30
C PRO A 26 -4.25 -13.64 1.92
N GLY A 27 -3.28 -13.75 2.82
CA GLY A 27 -2.11 -14.58 2.55
C GLY A 27 -2.10 -15.84 3.38
N SER A 28 -3.02 -16.76 3.09
CA SER A 28 -3.11 -18.01 3.81
C SER A 28 -2.22 -19.09 3.18
N SER A 29 -2.07 -19.00 1.86
CA SER A 29 -1.24 -19.96 1.14
C SER A 29 0.24 -19.77 1.47
N LEU A 30 0.63 -18.53 1.71
CA LEU A 30 2.01 -18.21 2.04
C LEU A 30 2.23 -18.23 3.55
N GLY A 31 1.50 -17.38 4.27
CA GLY A 31 1.62 -17.32 5.71
C GLY A 31 0.32 -16.91 6.39
N ILE A 32 0.38 -15.80 7.12
CA ILE A 32 -0.80 -15.29 7.81
C ILE A 32 -1.18 -13.89 7.33
N PHE A 33 -0.15 -13.09 7.03
CA PHE A 33 -0.38 -11.72 6.57
C PHE A 33 0.76 -11.28 5.65
N LYS A 34 0.41 -10.71 4.50
CA LYS A 34 1.39 -10.23 3.54
C LYS A 34 0.89 -9.01 2.80
N CYS A 35 1.48 -7.85 3.11
CA CYS A 35 1.09 -6.59 2.47
C CYS A 35 2.17 -6.11 1.52
N SER A 36 1.75 -5.61 0.36
CA SER A 36 2.69 -5.11 -0.64
C SER A 36 2.06 -3.99 -1.45
N CYS A 37 2.86 -3.39 -2.34
CA CYS A 37 2.38 -2.31 -3.19
C CYS A 37 1.55 -2.85 -4.35
N ALA A 38 0.31 -2.36 -4.46
CA ALA A 38 -0.59 -2.79 -5.52
C ALA A 38 -1.18 -1.59 -6.25
N HIS A 39 -1.69 -1.83 -7.46
CA HIS A 39 -2.29 -0.77 -8.26
C HIS A 39 -3.60 -0.30 -7.64
N ALA A 40 -3.55 0.84 -6.96
CA ALA A 40 -4.75 1.39 -6.33
C ALA A 40 -4.67 2.91 -6.25
N ASN A 41 -5.25 3.58 -7.24
CA ASN A 41 -5.25 5.04 -7.28
C ASN A 41 -6.35 5.61 -6.39
N LYS A 42 -7.59 5.45 -6.83
CA LYS A 42 -8.73 5.95 -6.07
C LYS A 42 -8.67 5.49 -4.61
N TYR A 43 -8.12 4.30 -4.41
CA TYR A 43 -7.99 3.76 -3.06
C TYR A 43 -6.95 4.53 -2.24
N PHE A 44 -5.70 4.44 -2.67
CA PHE A 44 -4.61 5.13 -1.98
C PHE A 44 -4.94 6.61 -1.79
N CYS A 45 -5.19 7.30 -2.90
CA CYS A 45 -5.52 8.72 -2.86
C CYS A 45 -6.59 9.00 -1.82
N ASN A 46 -7.56 8.09 -1.70
CA ASN A 46 -8.64 8.23 -0.74
C ASN A 46 -8.14 8.05 0.69
N ARG A 47 -7.23 7.10 0.87
CA ARG A 47 -6.66 6.82 2.18
C ARG A 47 -5.76 7.96 2.64
N LYS A 48 -4.97 8.49 1.71
CA LYS A 48 -4.05 9.59 2.02
C LYS A 48 -4.84 10.87 2.31
N LYS A 49 -5.72 11.25 1.41
CA LYS A 49 -6.53 12.45 1.57
C LYS A 49 -7.18 12.48 2.95
N GLU A 50 -7.41 11.30 3.52
CA GLU A 50 -8.02 11.19 4.83
C GLU A 50 -6.97 11.15 5.93
N LYS A 51 -5.92 10.35 5.72
CA LYS A 51 -4.85 10.22 6.69
C LYS A 51 -3.64 11.06 6.27
N CYS A 52 -2.86 10.54 5.33
CA CYS A 52 -1.67 11.23 4.85
C CYS A 52 -2.06 12.35 3.88
N LYS A 53 -2.81 13.32 4.38
CA LYS A 53 -3.25 14.45 3.56
C LYS A 53 -2.24 15.60 3.64
N LYS A 54 -1.63 15.76 4.82
CA LYS A 54 -0.66 16.82 5.02
C LYS A 54 0.73 16.38 4.58
N ALA A 55 1.19 15.25 5.14
CA ALA A 55 2.50 14.71 4.80
C ALA A 55 2.63 13.26 5.24
N ALA A 1 12.83 7.03 -0.78
CA ALA A 1 12.29 6.30 -1.92
C ALA A 1 11.03 5.53 -1.54
N CYS A 2 10.17 5.29 -2.53
CA CYS A 2 8.93 4.56 -2.29
C CYS A 2 9.11 3.07 -2.58
N ILE A 3 8.24 2.26 -1.99
CA ILE A 3 8.30 0.81 -2.19
C ILE A 3 7.83 0.42 -3.58
N PRO A 4 8.61 -0.43 -4.25
CA PRO A 4 8.28 -0.90 -5.61
C PRO A 4 7.07 -1.84 -5.63
N ARG A 5 6.30 -1.77 -6.69
CA ARG A 5 5.11 -2.60 -6.83
C ARG A 5 5.48 -4.08 -6.73
N GLY A 6 4.81 -4.79 -5.83
CA GLY A 6 5.08 -6.21 -5.65
C GLY A 6 5.93 -6.49 -4.42
N GLU A 7 6.54 -5.44 -3.88
CA GLU A 7 7.40 -5.58 -2.71
C GLU A 7 6.57 -5.41 -1.42
N ILE A 8 7.03 -6.04 -0.35
CA ILE A 8 6.35 -5.96 0.93
C ILE A 8 6.40 -4.55 1.50
N CYS A 9 5.33 -4.13 2.16
CA CYS A 9 5.26 -2.80 2.75
C CYS A 9 4.69 -2.87 4.17
N THR A 10 5.28 -2.08 5.06
CA THR A 10 4.85 -2.05 6.45
C THR A 10 3.81 -0.95 6.68
N ASP A 11 4.11 0.25 6.19
CA ASP A 11 3.22 1.39 6.35
C ASP A 11 2.47 1.66 5.04
N ASP A 12 1.41 2.46 5.13
CA ASP A 12 0.60 2.81 3.96
C ASP A 12 1.28 3.91 3.14
N CYS A 13 1.79 4.92 3.84
CA CYS A 13 2.46 6.04 3.18
C CYS A 13 3.82 5.61 2.63
N GLU A 14 4.23 4.39 2.98
CA GLU A 14 5.52 3.87 2.52
C GLU A 14 5.49 3.61 1.01
N CYS A 15 4.34 3.20 0.51
CA CYS A 15 4.17 2.90 -0.91
C CYS A 15 4.26 4.19 -1.74
N CYS A 16 4.47 4.03 -3.04
CA CYS A 16 4.57 5.17 -3.94
C CYS A 16 3.27 5.97 -3.95
N GLY A 17 3.13 6.86 -4.93
CA GLY A 17 1.93 7.66 -5.03
C GLY A 17 0.67 6.83 -5.19
N CYS A 18 -0.41 7.48 -5.61
CA CYS A 18 -1.69 6.79 -5.81
C CYS A 18 -1.49 5.51 -6.61
N ASP A 19 -0.54 5.54 -7.54
CA ASP A 19 -0.25 4.38 -8.37
C ASP A 19 -0.14 3.12 -7.53
N ASN A 20 0.76 3.14 -6.56
CA ASN A 20 0.97 2.00 -5.68
C ASN A 20 0.27 2.20 -4.34
N GLN A 21 -0.26 1.12 -3.77
CA GLN A 21 -0.96 1.18 -2.50
C GLN A 21 -0.57 0.00 -1.61
N CYS A 22 -0.51 0.25 -0.31
CA CYS A 22 -0.16 -0.81 0.65
C CYS A 22 -1.39 -1.58 1.09
N TYR A 23 -1.71 -2.65 0.37
CA TYR A 23 -2.87 -3.47 0.70
C TYR A 23 -2.45 -4.73 1.43
N CYS A 24 -3.33 -5.23 2.29
CA CYS A 24 -3.06 -6.44 3.05
C CYS A 24 -4.01 -7.56 2.67
N PRO A 25 -3.76 -8.17 1.50
CA PRO A 25 -4.59 -9.27 0.98
C PRO A 25 -4.43 -10.55 1.80
N PRO A 26 -5.32 -11.52 1.55
CA PRO A 26 -5.30 -12.81 2.25
C PRO A 26 -4.10 -13.66 1.86
N GLY A 27 -3.15 -13.79 2.78
CA GLY A 27 -1.96 -14.58 2.51
C GLY A 27 -1.95 -15.90 3.28
N SER A 28 -2.84 -16.80 2.91
CA SER A 28 -2.93 -18.09 3.57
C SER A 28 -2.01 -19.11 2.92
N SER A 29 -1.79 -18.95 1.62
CA SER A 29 -0.93 -19.86 0.86
C SER A 29 0.53 -19.68 1.27
N LEU A 30 0.90 -18.44 1.60
CA LEU A 30 2.27 -18.13 2.01
C LEU A 30 2.41 -18.22 3.52
N GLY A 31 1.63 -17.42 4.24
CA GLY A 31 1.69 -17.43 5.69
C GLY A 31 0.36 -17.08 6.32
N ILE A 32 0.35 -16.01 7.11
CA ILE A 32 -0.87 -15.57 7.78
C ILE A 32 -1.26 -14.16 7.34
N PHE A 33 -0.26 -13.32 7.09
CA PHE A 33 -0.50 -11.95 6.66
C PHE A 33 0.64 -11.45 5.78
N LYS A 34 0.29 -10.82 4.66
CA LYS A 34 1.29 -10.30 3.74
C LYS A 34 0.77 -9.05 3.03
N CYS A 35 1.47 -7.94 3.21
CA CYS A 35 1.08 -6.68 2.59
C CYS A 35 2.16 -6.18 1.64
N SER A 36 1.74 -5.68 0.48
CA SER A 36 2.67 -5.18 -0.52
C SER A 36 2.05 -4.06 -1.34
N CYS A 37 2.81 -3.51 -2.28
CA CYS A 37 2.33 -2.44 -3.13
C CYS A 37 1.46 -2.98 -4.26
N ALA A 38 0.25 -2.43 -4.40
CA ALA A 38 -0.68 -2.86 -5.44
C ALA A 38 -1.19 -1.67 -6.25
N HIS A 39 -1.82 -1.97 -7.38
CA HIS A 39 -2.36 -0.91 -8.24
C HIS A 39 -3.69 -0.41 -7.71
N ALA A 40 -3.67 0.72 -7.01
CA ALA A 40 -4.88 1.32 -6.45
C ALA A 40 -4.75 2.83 -6.35
N ASN A 41 -5.23 3.52 -7.38
CA ASN A 41 -5.17 4.98 -7.41
C ASN A 41 -6.40 5.58 -6.71
N LYS A 42 -7.58 5.22 -7.18
CA LYS A 42 -8.82 5.73 -6.61
C LYS A 42 -8.92 5.36 -5.13
N TYR A 43 -8.23 4.31 -4.74
CA TYR A 43 -8.23 3.86 -3.35
C TYR A 43 -7.19 4.61 -2.52
N PHE A 44 -5.92 4.45 -2.88
CA PHE A 44 -4.84 5.11 -2.17
C PHE A 44 -5.11 6.61 -2.05
N CYS A 45 -5.51 7.23 -3.16
CA CYS A 45 -5.80 8.66 -3.17
C CYS A 45 -6.71 9.04 -2.02
N ASN A 46 -7.82 8.32 -1.87
CA ASN A 46 -8.77 8.59 -0.80
C ASN A 46 -8.11 8.42 0.56
N ARG A 47 -7.18 7.48 0.65
CA ARG A 47 -6.47 7.21 1.91
C ARG A 47 -5.46 8.32 2.21
N LYS A 48 -4.83 8.84 1.15
CA LYS A 48 -3.84 9.90 1.30
C LYS A 48 -4.45 11.11 2.00
N LYS A 49 -5.61 11.54 1.52
CA LYS A 49 -6.30 12.69 2.10
C LYS A 49 -6.93 12.33 3.44
N GLU A 50 -6.85 11.06 3.80
CA GLU A 50 -7.42 10.59 5.06
C GLU A 50 -6.34 10.54 6.15
N LYS A 51 -5.22 9.89 5.84
CA LYS A 51 -4.12 9.78 6.79
C LYS A 51 -3.03 10.79 6.48
N CYS A 52 -2.25 10.52 5.45
CA CYS A 52 -1.16 11.41 5.06
C CYS A 52 -1.71 12.61 4.30
N LYS A 53 -2.58 13.37 4.95
CA LYS A 53 -3.18 14.56 4.33
C LYS A 53 -2.32 15.80 4.61
N LYS A 54 -1.68 15.83 5.77
CA LYS A 54 -0.83 16.95 6.15
C LYS A 54 0.47 16.93 5.37
N ALA A 55 1.09 15.75 5.28
CA ALA A 55 2.35 15.59 4.55
C ALA A 55 2.09 15.36 3.07
N ALA A 1 11.92 8.68 -1.92
CA ALA A 1 11.91 7.29 -2.35
C ALA A 1 10.62 6.59 -1.94
N CYS A 2 10.36 5.43 -2.52
CA CYS A 2 9.16 4.66 -2.22
C CYS A 2 9.33 3.20 -2.62
N ILE A 3 8.47 2.34 -2.09
CA ILE A 3 8.53 0.92 -2.40
C ILE A 3 8.02 0.64 -3.81
N PRO A 4 8.78 -0.17 -4.56
CA PRO A 4 8.43 -0.53 -5.94
C PRO A 4 7.21 -1.45 -6.01
N ARG A 5 6.57 -1.51 -7.17
CA ARG A 5 5.39 -2.34 -7.35
C ARG A 5 5.77 -3.82 -7.31
N GLY A 6 5.05 -4.59 -6.50
CA GLY A 6 5.32 -6.01 -6.38
C GLY A 6 6.16 -6.33 -5.16
N GLU A 7 6.76 -5.31 -4.56
CA GLU A 7 7.59 -5.50 -3.38
C GLU A 7 6.74 -5.40 -2.10
N ILE A 8 7.20 -6.08 -1.05
CA ILE A 8 6.49 -6.07 0.22
C ILE A 8 6.55 -4.69 0.87
N CYS A 9 5.45 -4.29 1.49
CA CYS A 9 5.37 -2.99 2.16
C CYS A 9 4.97 -3.15 3.61
N THR A 10 5.29 -2.16 4.43
CA THR A 10 4.95 -2.19 5.85
C THR A 10 3.82 -1.21 6.17
N ASP A 11 3.99 0.05 5.78
CA ASP A 11 2.99 1.07 6.02
C ASP A 11 2.28 1.46 4.72
N ASP A 12 1.26 2.30 4.83
CA ASP A 12 0.51 2.76 3.67
C ASP A 12 1.27 3.85 2.93
N CYS A 13 1.79 4.81 3.68
CA CYS A 13 2.53 5.93 3.09
C CYS A 13 3.90 5.46 2.60
N GLU A 14 4.25 4.22 2.92
CA GLU A 14 5.54 3.66 2.51
C GLU A 14 5.57 3.42 1.01
N CYS A 15 4.42 3.09 0.44
CA CYS A 15 4.31 2.83 -0.99
C CYS A 15 4.39 4.14 -1.78
N CYS A 16 4.63 4.02 -3.07
CA CYS A 16 4.73 5.18 -3.95
C CYS A 16 3.44 6.00 -3.91
N GLY A 17 3.35 7.00 -4.80
CA GLY A 17 2.17 7.83 -4.86
C GLY A 17 0.92 7.04 -5.19
N CYS A 18 -0.13 7.74 -5.61
CA CYS A 18 -1.39 7.09 -5.97
C CYS A 18 -1.16 5.89 -6.89
N ASP A 19 -0.12 6.00 -7.72
CA ASP A 19 0.21 4.92 -8.64
C ASP A 19 0.21 3.57 -7.95
N ASN A 20 0.99 3.47 -6.87
CA ASN A 20 1.07 2.22 -6.11
C ASN A 20 0.43 2.38 -4.73
N GLN A 21 -0.15 1.30 -4.24
CA GLN A 21 -0.80 1.31 -2.94
C GLN A 21 -0.41 0.08 -2.12
N CYS A 22 -0.33 0.26 -0.79
CA CYS A 22 0.03 -0.83 0.10
C CYS A 22 -1.20 -1.62 0.52
N TYR A 23 -1.55 -2.63 -0.28
CA TYR A 23 -2.71 -3.46 0.01
C TYR A 23 -2.32 -4.66 0.88
N CYS A 24 -3.19 -5.00 1.83
CA CYS A 24 -2.94 -6.12 2.72
C CYS A 24 -3.99 -7.22 2.52
N PRO A 25 -3.82 -7.99 1.45
CA PRO A 25 -4.74 -9.09 1.11
C PRO A 25 -4.62 -10.26 2.09
N PRO A 26 -5.58 -11.19 2.02
CA PRO A 26 -5.61 -12.37 2.90
C PRO A 26 -4.49 -13.35 2.57
N GLY A 27 -3.64 -13.62 3.55
CA GLY A 27 -2.54 -14.55 3.34
C GLY A 27 -2.45 -15.59 4.44
N SER A 28 -3.47 -16.44 4.53
CA SER A 28 -3.49 -17.48 5.54
C SER A 28 -2.82 -18.76 5.05
N SER A 29 -2.92 -18.99 3.74
CA SER A 29 -2.33 -20.18 3.12
C SER A 29 -0.81 -20.08 3.14
N LEU A 30 -0.29 -18.87 3.00
CA LEU A 30 1.16 -18.66 3.00
C LEU A 30 1.66 -18.35 4.40
N GLY A 31 1.12 -17.29 5.00
CA GLY A 31 1.53 -16.91 6.34
C GLY A 31 0.38 -16.33 7.15
N ILE A 32 0.60 -15.13 7.68
CA ILE A 32 -0.42 -14.47 8.49
C ILE A 32 -0.79 -13.11 7.89
N PHE A 33 0.21 -12.38 7.42
CA PHE A 33 -0.01 -11.07 6.83
C PHE A 33 1.05 -10.77 5.76
N LYS A 34 0.61 -10.29 4.61
CA LYS A 34 1.51 -9.96 3.52
C LYS A 34 0.96 -8.82 2.68
N CYS A 35 1.64 -7.68 2.72
CA CYS A 35 1.22 -6.50 1.96
C CYS A 35 2.27 -6.12 0.93
N SER A 36 1.81 -5.58 -0.20
CA SER A 36 2.71 -5.17 -1.27
C SER A 36 2.12 -4.00 -2.05
N CYS A 37 2.93 -3.41 -2.93
CA CYS A 37 2.50 -2.28 -3.74
C CYS A 37 1.66 -2.76 -4.92
N ALA A 38 0.43 -2.25 -5.00
CA ALA A 38 -0.48 -2.62 -6.07
C ALA A 38 -1.06 -1.38 -6.75
N HIS A 39 -1.29 -1.47 -8.06
CA HIS A 39 -1.84 -0.35 -8.81
C HIS A 39 -3.19 0.06 -8.25
N ALA A 40 -3.22 1.17 -7.53
CA ALA A 40 -4.45 1.67 -6.93
C ALA A 40 -4.41 3.19 -6.80
N ASN A 41 -4.94 3.89 -7.79
CA ASN A 41 -4.96 5.35 -7.78
C ASN A 41 -6.18 5.86 -7.02
N LYS A 42 -7.36 5.45 -7.47
CA LYS A 42 -8.61 5.87 -6.85
C LYS A 42 -8.68 5.38 -5.40
N TYR A 43 -7.91 4.35 -5.09
CA TYR A 43 -7.89 3.79 -3.74
C TYR A 43 -6.90 4.55 -2.86
N PHE A 44 -5.62 4.46 -3.21
CA PHE A 44 -4.57 5.13 -2.45
C PHE A 44 -4.92 6.59 -2.21
N CYS A 45 -5.30 7.29 -3.28
CA CYS A 45 -5.66 8.70 -3.19
C CYS A 45 -6.63 8.94 -2.04
N ASN A 46 -7.71 8.16 -2.01
CA ASN A 46 -8.72 8.28 -0.96
C ASN A 46 -8.12 7.94 0.41
N ARG A 47 -7.19 6.99 0.42
CA ARG A 47 -6.55 6.58 1.66
C ARG A 47 -5.62 7.67 2.18
N LYS A 48 -5.00 8.41 1.26
CA LYS A 48 -4.08 9.47 1.63
C LYS A 48 -4.82 10.58 2.40
N LYS A 49 -5.97 10.98 1.88
CA LYS A 49 -6.77 12.02 2.52
C LYS A 49 -7.49 11.48 3.75
N GLU A 50 -7.34 10.18 3.99
CA GLU A 50 -7.98 9.54 5.14
C GLU A 50 -6.99 9.34 6.27
N LYS A 51 -5.84 8.77 5.95
CA LYS A 51 -4.79 8.53 6.95
C LYS A 51 -3.72 9.61 6.88
N CYS A 52 -2.92 9.58 5.82
CA CYS A 52 -1.84 10.54 5.64
C CYS A 52 -2.40 11.89 5.16
N LYS A 53 -3.31 12.46 5.95
CA LYS A 53 -3.91 13.74 5.61
C LYS A 53 -2.85 14.83 5.46
N LYS A 54 -1.80 14.73 6.27
CA LYS A 54 -0.72 15.70 6.24
C LYS A 54 0.56 15.12 6.84
N ALA A 55 1.59 14.98 6.01
CA ALA A 55 2.87 14.44 6.48
C ALA A 55 3.65 15.49 7.26
N ALA A 1 12.90 5.92 -3.37
CA ALA A 1 12.63 6.24 -1.98
C ALA A 1 11.42 5.47 -1.45
N CYS A 2 10.42 5.29 -2.31
CA CYS A 2 9.22 4.57 -1.93
C CYS A 2 9.33 3.09 -2.28
N ILE A 3 8.49 2.27 -1.65
CA ILE A 3 8.51 0.83 -1.89
C ILE A 3 7.96 0.51 -3.28
N PRO A 4 8.70 -0.35 -4.01
CA PRO A 4 8.31 -0.76 -5.37
C PRO A 4 7.07 -1.66 -5.37
N ARG A 5 6.38 -1.70 -6.51
CA ARG A 5 5.19 -2.52 -6.64
C ARG A 5 5.52 -4.01 -6.54
N GLY A 6 4.72 -4.74 -5.78
CA GLY A 6 4.95 -6.16 -5.62
C GLY A 6 5.80 -6.48 -4.40
N GLU A 7 6.49 -5.47 -3.88
CA GLU A 7 7.36 -5.64 -2.72
C GLU A 7 6.57 -5.45 -1.43
N ILE A 8 6.92 -6.21 -0.40
CA ILE A 8 6.25 -6.13 0.89
C ILE A 8 6.45 -4.75 1.51
N CYS A 9 5.40 -4.24 2.15
CA CYS A 9 5.45 -2.94 2.80
C CYS A 9 5.06 -3.04 4.27
N THR A 10 5.58 -2.12 5.08
CA THR A 10 5.29 -2.11 6.52
C THR A 10 4.18 -1.12 6.83
N ASP A 11 4.39 0.13 6.44
CA ASP A 11 3.40 1.18 6.69
C ASP A 11 2.63 1.52 5.41
N ASP A 12 1.60 2.34 5.55
CA ASP A 12 0.79 2.74 4.41
C ASP A 12 1.49 3.83 3.60
N CYS A 13 2.00 4.84 4.29
CA CYS A 13 2.70 5.94 3.63
C CYS A 13 4.05 5.48 3.10
N GLU A 14 4.44 4.26 3.46
CA GLU A 14 5.72 3.71 3.01
C GLU A 14 5.70 3.44 1.52
N CYS A 15 4.54 3.06 1.00
CA CYS A 15 4.40 2.79 -0.42
C CYS A 15 4.46 4.07 -1.25
N CYS A 16 4.63 3.91 -2.56
CA CYS A 16 4.71 5.06 -3.45
C CYS A 16 3.44 5.90 -3.38
N GLY A 17 3.35 6.90 -4.26
CA GLY A 17 2.17 7.76 -4.28
C GLY A 17 0.90 7.00 -4.59
N CYS A 18 -0.12 7.73 -5.03
CA CYS A 18 -1.40 7.12 -5.36
C CYS A 18 -1.21 5.89 -6.25
N ASP A 19 -0.17 5.92 -7.07
CA ASP A 19 0.13 4.81 -7.97
C ASP A 19 0.08 3.48 -7.23
N ASN A 20 0.88 3.36 -6.17
CA ASN A 20 0.92 2.14 -5.37
C ASN A 20 0.27 2.36 -4.01
N GLN A 21 -0.18 1.27 -3.41
CA GLN A 21 -0.83 1.33 -2.09
C GLN A 21 -0.47 0.12 -1.25
N CYS A 22 -0.37 0.32 0.06
CA CYS A 22 -0.04 -0.76 0.98
C CYS A 22 -1.30 -1.50 1.43
N TYR A 23 -1.65 -2.55 0.69
CA TYR A 23 -2.84 -3.34 1.02
C TYR A 23 -2.44 -4.68 1.62
N CYS A 24 -3.32 -5.22 2.46
CA CYS A 24 -3.08 -6.50 3.11
C CYS A 24 -4.05 -7.57 2.61
N PRO A 25 -3.77 -8.11 1.42
CA PRO A 25 -4.61 -9.15 0.80
C PRO A 25 -4.52 -10.48 1.55
N PRO A 26 -5.42 -11.40 1.20
CA PRO A 26 -5.48 -12.73 1.82
C PRO A 26 -4.29 -13.59 1.42
N GLY A 27 -3.34 -13.75 2.34
CA GLY A 27 -2.16 -14.56 2.08
C GLY A 27 -2.15 -15.86 2.85
N SER A 28 -3.05 -16.77 2.47
CA SER A 28 -3.15 -18.06 3.14
C SER A 28 -2.21 -19.09 2.51
N SER A 29 -1.98 -18.93 1.20
CA SER A 29 -1.11 -19.84 0.48
C SER A 29 0.35 -19.66 0.90
N LEU A 30 0.71 -18.42 1.23
CA LEU A 30 2.07 -18.11 1.66
C LEU A 30 2.20 -18.21 3.17
N GLY A 31 1.41 -17.41 3.88
CA GLY A 31 1.46 -17.42 5.34
C GLY A 31 0.13 -17.06 5.96
N ILE A 32 0.13 -16.02 6.80
CA ILE A 32 -1.09 -15.57 7.45
C ILE A 32 -1.43 -14.14 7.07
N PHE A 33 -0.40 -13.32 6.88
CA PHE A 33 -0.59 -11.93 6.50
C PHE A 33 0.58 -11.42 5.66
N LYS A 34 0.27 -10.87 4.50
CA LYS A 34 1.31 -10.34 3.60
C LYS A 34 0.81 -9.11 2.86
N CYS A 35 1.36 -7.94 3.22
CA CYS A 35 0.96 -6.69 2.59
C CYS A 35 2.07 -6.20 1.65
N SER A 36 1.65 -5.66 0.50
CA SER A 36 2.59 -5.15 -0.49
C SER A 36 2.00 -3.98 -1.26
N CYS A 37 2.79 -3.42 -2.18
CA CYS A 37 2.33 -2.30 -2.98
C CYS A 37 1.42 -2.77 -4.11
N ALA A 38 0.22 -2.21 -4.17
CA ALA A 38 -0.74 -2.57 -5.21
C ALA A 38 -1.29 -1.33 -5.90
N HIS A 39 -1.67 -1.49 -7.17
CA HIS A 39 -2.21 -0.38 -7.95
C HIS A 39 -3.53 0.11 -7.36
N ALA A 40 -3.48 1.24 -6.67
CA ALA A 40 -4.67 1.81 -6.05
C ALA A 40 -4.57 3.33 -5.96
N ASN A 41 -5.10 4.02 -6.97
CA ASN A 41 -5.06 5.47 -7.00
C ASN A 41 -6.18 6.06 -6.16
N LYS A 42 -7.42 5.91 -6.62
CA LYS A 42 -8.57 6.44 -5.90
C LYS A 42 -8.57 5.97 -4.45
N TYR A 43 -8.02 4.78 -4.22
CA TYR A 43 -7.96 4.21 -2.88
C TYR A 43 -6.89 4.92 -2.04
N PHE A 44 -5.63 4.73 -2.42
CA PHE A 44 -4.52 5.35 -1.70
C PHE A 44 -4.76 6.85 -1.53
N CYS A 45 -5.18 7.51 -2.61
CA CYS A 45 -5.44 8.93 -2.59
C CYS A 45 -6.32 9.31 -1.40
N ASN A 46 -7.51 8.71 -1.33
CA ASN A 46 -8.44 8.97 -0.25
C ASN A 46 -7.86 8.51 1.10
N ARG A 47 -7.04 7.47 1.04
CA ARG A 47 -6.43 6.93 2.25
C ARG A 47 -5.40 7.90 2.82
N LYS A 48 -4.71 8.61 1.95
CA LYS A 48 -3.70 9.59 2.37
C LYS A 48 -4.35 10.75 3.11
N LYS A 49 -5.32 11.39 2.46
CA LYS A 49 -6.02 12.53 3.05
C LYS A 49 -6.48 12.20 4.47
N GLU A 50 -6.73 10.92 4.73
CA GLU A 50 -7.18 10.49 6.04
C GLU A 50 -5.99 10.08 6.91
N LYS A 51 -4.95 9.56 6.28
CA LYS A 51 -3.75 9.14 6.98
C LYS A 51 -2.66 10.20 6.89
N CYS A 52 -1.93 10.19 5.77
CA CYS A 52 -0.85 11.15 5.55
C CYS A 52 -1.42 12.56 5.33
N LYS A 53 -1.93 12.80 4.12
CA LYS A 53 -2.49 14.10 3.78
C LYS A 53 -3.04 14.08 2.36
N LYS A 54 -3.51 15.25 1.90
CA LYS A 54 -4.07 15.37 0.57
C LYS A 54 -3.01 15.82 -0.43
N ALA A 55 -1.81 15.25 -0.30
CA ALA A 55 -0.71 15.59 -1.19
C ALA A 55 0.52 14.74 -0.90
N ALA A 1 11.58 8.45 -2.47
CA ALA A 1 11.77 7.07 -2.05
C ALA A 1 10.43 6.40 -1.73
N CYS A 2 10.15 5.29 -2.41
CA CYS A 2 8.91 4.56 -2.20
C CYS A 2 9.09 3.07 -2.52
N ILE A 3 8.22 2.24 -1.97
CA ILE A 3 8.28 0.80 -2.19
C ILE A 3 7.75 0.45 -3.57
N PRO A 4 8.52 -0.39 -4.29
CA PRO A 4 8.15 -0.84 -5.64
C PRO A 4 6.95 -1.79 -5.63
N ARG A 5 6.21 -1.80 -6.73
CA ARG A 5 5.03 -2.65 -6.85
C ARG A 5 5.43 -4.12 -6.81
N GLY A 6 4.81 -4.86 -5.88
CA GLY A 6 5.10 -6.28 -5.76
C GLY A 6 5.91 -6.59 -4.52
N GLU A 7 6.56 -5.55 -3.96
CA GLU A 7 7.38 -5.73 -2.77
C GLU A 7 6.53 -5.54 -1.50
N ILE A 8 6.95 -6.19 -0.42
CA ILE A 8 6.24 -6.08 0.85
C ILE A 8 6.29 -4.66 1.40
N CYS A 9 5.19 -4.24 2.01
CA CYS A 9 5.10 -2.89 2.58
C CYS A 9 4.75 -2.95 4.06
N THR A 10 5.22 -1.97 4.82
CA THR A 10 4.95 -1.91 6.25
C THR A 10 3.91 -0.85 6.56
N ASP A 11 4.08 0.35 6.01
CA ASP A 11 3.16 1.44 6.23
C ASP A 11 2.42 1.81 4.94
N ASP A 12 1.39 2.62 5.06
CA ASP A 12 0.60 3.06 3.91
C ASP A 12 1.34 4.14 3.12
N CYS A 13 1.86 5.13 3.83
CA CYS A 13 2.59 6.22 3.20
C CYS A 13 3.92 5.74 2.65
N GLU A 14 4.30 4.51 3.00
CA GLU A 14 5.55 3.93 2.55
C GLU A 14 5.51 3.65 1.05
N CYS A 15 4.34 3.25 0.56
CA CYS A 15 4.16 2.95 -0.85
C CYS A 15 4.23 4.22 -1.70
N CYS A 16 4.46 4.04 -3.00
CA CYS A 16 4.56 5.17 -3.91
C CYS A 16 3.26 5.97 -3.93
N GLY A 17 3.14 6.87 -4.90
CA GLY A 17 1.94 7.68 -5.01
C GLY A 17 0.69 6.85 -5.25
N CYS A 18 -0.36 7.49 -5.71
CA CYS A 18 -1.63 6.81 -5.97
C CYS A 18 -1.40 5.53 -6.77
N ASP A 19 -0.41 5.55 -7.64
CA ASP A 19 -0.07 4.40 -8.47
C ASP A 19 0.00 3.13 -7.61
N ASN A 20 0.85 3.15 -6.61
CA ASN A 20 1.02 2.01 -5.72
C ASN A 20 0.29 2.23 -4.40
N GLN A 21 -0.20 1.14 -3.81
CA GLN A 21 -0.93 1.22 -2.55
C GLN A 21 -0.53 0.06 -1.63
N CYS A 22 -0.49 0.34 -0.33
CA CYS A 22 -0.13 -0.69 0.65
C CYS A 22 -1.37 -1.46 1.10
N TYR A 23 -1.70 -2.52 0.37
CA TYR A 23 -2.85 -3.35 0.69
C TYR A 23 -2.44 -4.59 1.47
N CYS A 24 -3.33 -5.07 2.32
CA CYS A 24 -3.07 -6.25 3.13
C CYS A 24 -4.02 -7.39 2.77
N PRO A 25 -3.76 -8.03 1.62
CA PRO A 25 -4.59 -9.14 1.13
C PRO A 25 -4.42 -10.40 1.99
N PRO A 26 -5.31 -11.38 1.76
CA PRO A 26 -5.26 -12.65 2.50
C PRO A 26 -4.06 -13.51 2.13
N GLY A 27 -3.14 -13.66 3.07
CA GLY A 27 -1.95 -14.45 2.81
C GLY A 27 -1.94 -15.75 3.61
N SER A 28 -2.84 -16.66 3.25
CA SER A 28 -2.93 -17.94 3.93
C SER A 28 -2.01 -18.98 3.30
N SER A 29 -1.78 -18.83 1.99
CA SER A 29 -0.93 -19.75 1.26
C SER A 29 0.53 -19.58 1.68
N LEU A 30 0.92 -18.35 1.99
CA LEU A 30 2.28 -18.06 2.42
C LEU A 30 2.40 -18.11 3.94
N GLY A 31 1.63 -17.29 4.63
CA GLY A 31 1.66 -17.26 6.07
C GLY A 31 0.34 -16.86 6.68
N ILE A 32 0.28 -15.66 7.24
CA ILE A 32 -0.94 -15.16 7.85
C ILE A 32 -1.40 -13.87 7.19
N PHE A 33 -0.46 -12.97 6.94
CA PHE A 33 -0.77 -11.69 6.31
C PHE A 33 0.42 -11.17 5.51
N LYS A 34 0.18 -10.87 4.24
CA LYS A 34 1.24 -10.37 3.36
C LYS A 34 0.79 -9.08 2.67
N CYS A 35 1.33 -7.96 3.13
CA CYS A 35 0.99 -6.66 2.55
C CYS A 35 2.09 -6.18 1.60
N SER A 36 1.68 -5.66 0.45
CA SER A 36 2.64 -5.18 -0.55
C SER A 36 2.02 -4.04 -1.37
N CYS A 37 2.81 -3.50 -2.29
CA CYS A 37 2.35 -2.41 -3.14
C CYS A 37 1.51 -2.93 -4.29
N ALA A 38 0.28 -2.43 -4.38
CA ALA A 38 -0.64 -2.85 -5.44
C ALA A 38 -1.11 -1.65 -6.26
N HIS A 39 -1.68 -1.93 -7.43
CA HIS A 39 -2.18 -0.87 -8.31
C HIS A 39 -3.53 -0.37 -7.85
N ALA A 40 -3.55 0.76 -7.16
CA ALA A 40 -4.78 1.35 -6.66
C ALA A 40 -4.66 2.87 -6.55
N ASN A 41 -5.12 3.56 -7.58
CA ASN A 41 -5.08 5.02 -7.60
C ASN A 41 -6.31 5.62 -6.94
N LYS A 42 -7.48 5.25 -7.45
CA LYS A 42 -8.74 5.75 -6.91
C LYS A 42 -8.89 5.38 -5.45
N TYR A 43 -8.15 4.36 -5.02
CA TYR A 43 -8.20 3.90 -3.64
C TYR A 43 -7.17 4.64 -2.78
N PHE A 44 -5.90 4.47 -3.12
CA PHE A 44 -4.82 5.12 -2.38
C PHE A 44 -5.08 6.61 -2.25
N CYS A 45 -5.45 7.24 -3.36
CA CYS A 45 -5.73 8.67 -3.37
C CYS A 45 -6.61 9.06 -2.19
N ASN A 46 -7.77 8.41 -2.07
CA ASN A 46 -8.70 8.69 -0.99
C ASN A 46 -8.05 8.44 0.37
N ARG A 47 -7.16 7.46 0.42
CA ARG A 47 -6.46 7.13 1.66
C ARG A 47 -5.41 8.17 2.00
N LYS A 48 -4.81 8.76 0.97
CA LYS A 48 -3.79 9.78 1.16
C LYS A 48 -4.36 10.99 1.90
N LYS A 49 -5.51 11.46 1.47
CA LYS A 49 -6.15 12.61 2.10
C LYS A 49 -6.89 12.19 3.36
N GLU A 50 -6.83 10.90 3.68
CA GLU A 50 -7.49 10.36 4.87
C GLU A 50 -6.50 10.17 6.01
N LYS A 51 -5.41 9.45 5.71
CA LYS A 51 -4.38 9.19 6.71
C LYS A 51 -3.18 10.12 6.51
N CYS A 52 -2.51 9.98 5.37
CA CYS A 52 -1.35 10.79 5.06
C CYS A 52 -1.78 12.19 4.62
N LYS A 53 -2.53 12.88 5.47
CA LYS A 53 -3.01 14.22 5.16
C LYS A 53 -1.99 15.27 5.62
N LYS A 54 -1.29 14.98 6.70
CA LYS A 54 -0.29 15.89 7.24
C LYS A 54 0.94 15.94 6.33
N ALA A 55 1.29 14.79 5.75
CA ALA A 55 2.44 14.70 4.87
C ALA A 55 2.14 15.32 3.50
N ALA A 1 12.50 6.01 -4.14
CA ALA A 1 12.29 6.51 -2.79
C ALA A 1 10.93 6.08 -2.25
N CYS A 2 10.55 4.84 -2.55
CA CYS A 2 9.27 4.31 -2.10
C CYS A 2 9.17 2.82 -2.42
N ILE A 3 8.04 2.23 -2.05
CA ILE A 3 7.81 0.80 -2.29
C ILE A 3 6.91 0.58 -3.50
N PRO A 4 7.53 0.24 -4.63
CA PRO A 4 6.82 -0.01 -5.89
C PRO A 4 5.98 -1.29 -5.83
N ARG A 5 4.99 -1.38 -6.71
CA ARG A 5 4.12 -2.55 -6.76
C ARG A 5 4.94 -3.83 -6.86
N GLY A 6 4.47 -4.88 -6.20
CA GLY A 6 5.18 -6.15 -6.23
C GLY A 6 6.03 -6.37 -4.99
N GLU A 7 6.52 -5.28 -4.41
CA GLU A 7 7.35 -5.36 -3.21
C GLU A 7 6.50 -5.31 -1.95
N ILE A 8 6.99 -5.91 -0.87
CA ILE A 8 6.28 -5.94 0.39
C ILE A 8 6.30 -4.57 1.06
N CYS A 9 5.19 -4.22 1.70
CA CYS A 9 5.07 -2.93 2.38
C CYS A 9 4.59 -3.11 3.81
N THR A 10 5.07 -2.26 4.72
CA THR A 10 4.67 -2.33 6.12
C THR A 10 3.63 -1.27 6.44
N ASP A 11 3.79 -0.08 5.87
CA ASP A 11 2.85 1.01 6.11
C ASP A 11 2.24 1.50 4.80
N ASP A 12 1.20 2.32 4.90
CA ASP A 12 0.53 2.86 3.72
C ASP A 12 1.38 3.94 3.07
N CYS A 13 1.80 4.92 3.86
CA CYS A 13 2.61 6.02 3.36
C CYS A 13 3.94 5.51 2.80
N GLU A 14 4.30 4.28 3.16
CA GLU A 14 5.54 3.66 2.70
C GLU A 14 5.48 3.39 1.20
N CYS A 15 4.30 3.02 0.71
CA CYS A 15 4.11 2.73 -0.70
C CYS A 15 4.30 3.98 -1.54
N CYS A 16 4.59 3.78 -2.83
CA CYS A 16 4.80 4.90 -3.75
C CYS A 16 3.57 5.79 -3.80
N GLY A 17 3.60 6.79 -4.68
CA GLY A 17 2.49 7.70 -4.82
C GLY A 17 1.20 7.00 -5.20
N CYS A 18 0.21 7.77 -5.62
CA CYS A 18 -1.08 7.22 -6.02
C CYS A 18 -0.89 6.02 -6.95
N ASP A 19 0.16 6.06 -7.75
CA ASP A 19 0.45 4.97 -8.69
C ASP A 19 0.32 3.62 -8.00
N ASN A 20 0.98 3.47 -6.84
CA ASN A 20 0.93 2.23 -6.09
C ASN A 20 0.28 2.43 -4.73
N GLN A 21 -0.24 1.35 -4.16
CA GLN A 21 -0.90 1.42 -2.86
C GLN A 21 -0.54 0.20 -2.02
N CYS A 22 -0.50 0.40 -0.70
CA CYS A 22 -0.18 -0.67 0.23
C CYS A 22 -1.43 -1.46 0.62
N TYR A 23 -1.55 -2.67 0.08
CA TYR A 23 -2.70 -3.52 0.38
C TYR A 23 -2.29 -4.71 1.25
N CYS A 24 -3.14 -5.03 2.22
CA CYS A 24 -2.87 -6.14 3.12
C CYS A 24 -3.89 -7.27 2.91
N PRO A 25 -3.72 -8.01 1.81
CA PRO A 25 -4.62 -9.13 1.47
C PRO A 25 -4.44 -10.31 2.42
N PRO A 26 -5.38 -11.26 2.34
CA PRO A 26 -5.35 -12.47 3.18
C PRO A 26 -4.21 -13.41 2.80
N GLY A 27 -3.11 -13.34 3.54
CA GLY A 27 -1.97 -14.19 3.26
C GLY A 27 -1.96 -15.44 4.12
N SER A 28 -2.98 -16.28 3.94
CA SER A 28 -3.08 -17.52 4.71
C SER A 28 -2.36 -18.66 4.00
N SER A 29 -2.42 -18.65 2.67
CA SER A 29 -1.78 -19.69 1.87
C SER A 29 -0.26 -19.57 1.95
N LEU A 30 0.23 -18.34 2.03
CA LEU A 30 1.66 -18.09 2.11
C LEU A 30 2.15 -18.13 3.56
N GLY A 31 1.56 -17.29 4.40
CA GLY A 31 1.94 -17.24 5.79
C GLY A 31 0.79 -16.83 6.70
N ILE A 32 1.02 -15.80 7.50
CA ILE A 32 0.00 -15.30 8.42
C ILE A 32 -0.32 -13.82 8.14
N PHE A 33 0.71 -13.07 7.76
CA PHE A 33 0.54 -11.65 7.47
C PHE A 33 1.56 -11.18 6.43
N LYS A 34 1.05 -10.79 5.26
CA LYS A 34 1.91 -10.33 4.17
C LYS A 34 1.19 -9.30 3.31
N CYS A 35 1.71 -8.08 3.29
CA CYS A 35 1.11 -7.01 2.50
C CYS A 35 2.00 -6.64 1.31
N SER A 36 1.39 -6.50 0.15
CA SER A 36 2.12 -6.15 -1.07
C SER A 36 1.55 -4.90 -1.71
N CYS A 37 2.41 -4.15 -2.40
CA CYS A 37 1.99 -2.92 -3.07
C CYS A 37 1.30 -3.23 -4.39
N ALA A 38 0.13 -2.65 -4.59
CA ALA A 38 -0.64 -2.86 -5.81
C ALA A 38 -1.04 -1.54 -6.44
N HIS A 39 -1.07 -1.50 -7.76
CA HIS A 39 -1.44 -0.28 -8.49
C HIS A 39 -2.85 0.17 -8.12
N ALA A 40 -2.94 1.29 -7.41
CA ALA A 40 -4.23 1.83 -6.99
C ALA A 40 -4.18 3.35 -6.85
N ASN A 41 -4.68 4.05 -7.86
CA ASN A 41 -4.69 5.51 -7.85
C ASN A 41 -5.86 6.04 -7.05
N LYS A 42 -7.07 5.92 -7.61
CA LYS A 42 -8.28 6.39 -6.94
C LYS A 42 -8.32 5.90 -5.50
N TYR A 43 -7.77 4.72 -5.25
CA TYR A 43 -7.75 4.15 -3.92
C TYR A 43 -6.75 4.87 -3.02
N PHE A 44 -5.46 4.72 -3.32
CA PHE A 44 -4.41 5.37 -2.55
C PHE A 44 -4.71 6.85 -2.36
N CYS A 45 -5.08 7.52 -3.45
CA CYS A 45 -5.38 8.94 -3.40
C CYS A 45 -6.38 9.24 -2.28
N ASN A 46 -7.50 8.53 -2.28
CA ASN A 46 -8.53 8.73 -1.26
C ASN A 46 -8.02 8.32 0.11
N ARG A 47 -7.17 7.30 0.13
CA ARG A 47 -6.61 6.81 1.39
C ARG A 47 -5.63 7.81 1.98
N LYS A 48 -4.97 8.59 1.12
CA LYS A 48 -4.01 9.59 1.55
C LYS A 48 -4.72 10.74 2.26
N LYS A 49 -5.75 11.29 1.63
CA LYS A 49 -6.52 12.39 2.20
C LYS A 49 -7.22 11.95 3.48
N GLU A 50 -7.29 10.64 3.69
CA GLU A 50 -7.96 10.09 4.88
C GLU A 50 -6.94 9.78 5.97
N LYS A 51 -5.81 9.20 5.57
CA LYS A 51 -4.75 8.85 6.52
C LYS A 51 -3.63 9.89 6.48
N CYS A 52 -2.80 9.80 5.45
CA CYS A 52 -1.68 10.74 5.30
C CYS A 52 -2.16 12.08 4.77
N LYS A 53 -3.04 12.72 5.53
CA LYS A 53 -3.57 14.02 5.15
C LYS A 53 -2.74 15.15 5.74
N LYS A 54 -2.19 14.92 6.92
CA LYS A 54 -1.37 15.91 7.60
C LYS A 54 -0.03 16.10 6.87
N ALA A 55 0.67 14.99 6.67
CA ALA A 55 1.96 15.02 5.98
C ALA A 55 1.78 15.12 4.47
#